data_6G19
#
_entry.id   6G19
#
_cell.length_a   1
_cell.length_b   1
_cell.length_c   1
_cell.angle_alpha   90
_cell.angle_beta   90
_cell.angle_gamma   90
#
_symmetry.space_group_name_H-M   'P 1'
#
loop_
_entity.id
_entity.type
_entity.pdbx_description
1 polymer 'Interferon-induced helicase C domain-containing protein 1'
2 polymer "RNA (5'-R(P*CP*AP*AP*GP*CP*CP*GP*AP*GP*GP*AP*GP*AP*G)-3')"
3 polymer "RNA (5'-R(P*CP*UP*CP*UP*CP*CP*UP*CP*GP*GP*CP*UP*UP*G)-3')"
4 non-polymer 'ZINC ION'
5 non-polymer 'PHOSPHOAMINOPHOSPHONIC ACID-ADENYLATE ESTER'
#
loop_
_entity_poly.entity_id
_entity_poly.type
_entity_poly.pdbx_seq_one_letter_code
_entity_poly.pdbx_strand_id
1 'polypeptide(L)'
;LQLRPYQMEVAQPALDGKNIIICLPTGSGKTRVAVYITKDHLDKKKQASESGKVIVLVNKVMLAEQLFRKEFNPYLKKWY
RIIGLSGDTQLKISFPEVVKSYDVIISTAQILENSLLNLESGDDDGVQLSDFSLIIIDECHHTNKEAVYNNIMRRYLKQK
LRNNDLKKQNKPAIPLPQILGLTASPGVGAAKKQSEAEKHILNICANLDAFTIKTVKENLGQLKHQIKEPCKKFVIADDT
RENPFKEKLLEIMASIQTYCQKSPMSDFGTQHYEQWAIQMEKKAAKDGNRKDRVCAEHLRKYNEALQINDTIRMIDAYSH
LETFYTDEKEKKFAVLNDSKKSLKLDETDEFLMNLFFDNKKMLKKLAENPKYENEKLIKLRNTILEQFTRSEESSRGIIF
TKTRQSTYALSQWIMENAKFAEVGVKAHHLIGAGHSSEVKPMTQTEQKEVISKFRTGEINLLIATTVAEEGLDIKECNIV
IRYGLVTNEIAMVQARGRARADESTYVLVTSSGSGVTEREIVNDFREKMMYKAINRVQNMKPEEYAHKILELQVQSILEK
KMKVKRSIAKQYNDNPSLITLLCKNCSMLVCSGENIHVIEKMHHVNMTPEFKGLYIVRENKALQKKFADYQTNGEIICKC
GQAWGTMMVHKGLDLPCLKIRNFVVNFKNNSPKKQYKKWVELPIRFPDLDYSEYCL
;
A
2 'polyribonucleotide' CAAGCCGAGGAGAG X
3 'polyribonucleotide' CUCUCCUCGGCUUG Y
#
loop_
_chem_comp.id
_chem_comp.type
_chem_comp.name
_chem_comp.formula
A RNA linking ADENOSINE-5'-MONOPHOSPHATE 'C10 H14 N5 O7 P'
ANP non-polymer 'PHOSPHOAMINOPHOSPHONIC ACID-ADENYLATE ESTER' 'C10 H17 N6 O12 P3'
C RNA linking CYTIDINE-5'-MONOPHOSPHATE 'C9 H14 N3 O8 P'
G RNA linking GUANOSINE-5'-MONOPHOSPHATE 'C10 H14 N5 O8 P'
U RNA linking URIDINE-5'-MONOPHOSPHATE 'C9 H13 N2 O9 P'
ZN non-polymer 'ZINC ION' 'Zn 2'
#
# COMPACT_ATOMS: atom_id res chain seq x y z
N LEU A 1 7.97 -11.19 -32.90
CA LEU A 1 7.68 -9.88 -32.34
C LEU A 1 7.65 -8.81 -33.42
N GLN A 2 6.82 -7.80 -33.20
CA GLN A 2 6.57 -6.75 -34.16
C GLN A 2 7.04 -5.41 -33.64
N LEU A 3 7.36 -4.54 -34.59
CA LEU A 3 7.99 -3.26 -34.34
C LEU A 3 7.06 -2.18 -34.86
N ARG A 4 6.33 -1.52 -33.96
CA ARG A 4 5.37 -0.52 -34.41
C ARG A 4 6.10 0.71 -34.96
N PRO A 5 5.41 1.53 -35.73
CA PRO A 5 6.05 2.74 -36.27
C PRO A 5 6.46 3.73 -35.21
N TYR A 6 5.57 4.00 -34.27
CA TYR A 6 5.82 5.04 -33.28
C TYR A 6 6.62 4.55 -32.09
N GLN A 7 6.56 3.26 -31.79
CA GLN A 7 7.48 2.74 -30.79
C GLN A 7 8.91 2.79 -31.27
N MET A 8 9.11 2.72 -32.58
CA MET A 8 10.45 2.77 -33.15
C MET A 8 11.16 4.05 -32.76
N GLU A 9 10.50 5.19 -32.98
CA GLU A 9 11.19 6.47 -32.84
C GLU A 9 11.53 6.73 -31.39
N VAL A 10 10.66 6.32 -30.48
CA VAL A 10 10.95 6.50 -29.07
C VAL A 10 12.07 5.56 -28.64
N ALA A 11 12.14 4.36 -29.22
CA ALA A 11 13.20 3.44 -28.83
C ALA A 11 14.54 3.78 -29.46
N GLN A 12 14.53 4.47 -30.59
CA GLN A 12 15.70 4.59 -31.47
C GLN A 12 16.98 5.01 -30.78
N PRO A 13 17.03 6.07 -29.98
CA PRO A 13 18.31 6.45 -29.38
C PRO A 13 18.80 5.43 -28.38
N ALA A 14 17.91 4.68 -27.75
CA ALA A 14 18.34 3.70 -26.77
C ALA A 14 19.22 2.63 -27.39
N LEU A 15 18.99 2.33 -28.67
CA LEU A 15 19.66 1.21 -29.30
C LEU A 15 21.17 1.43 -29.45
N ASP A 16 21.68 2.65 -29.26
CA ASP A 16 23.11 2.91 -29.28
C ASP A 16 23.45 3.70 -28.01
N GLY A 17 23.71 2.95 -26.93
CA GLY A 17 23.95 3.57 -25.66
C GLY A 17 22.75 4.38 -25.24
N LYS A 18 23.02 5.57 -24.71
CA LYS A 18 21.99 6.56 -24.45
C LYS A 18 20.93 6.01 -23.50
N ASN A 19 21.34 5.86 -22.25
CA ASN A 19 20.39 5.57 -21.20
C ASN A 19 19.30 6.63 -21.18
N ILE A 20 18.04 6.20 -21.11
CA ILE A 20 16.92 7.13 -21.21
C ILE A 20 15.74 6.69 -20.36
N ILE A 21 14.80 7.61 -20.21
CA ILE A 21 13.44 7.35 -19.78
C ILE A 21 12.60 7.24 -21.03
N ILE A 22 11.49 6.54 -20.92
CA ILE A 22 10.47 6.48 -21.95
C ILE A 22 9.13 6.61 -21.25
N CYS A 23 8.41 7.68 -21.55
CA CYS A 23 7.03 7.86 -21.10
C CYS A 23 6.14 7.83 -22.34
N LEU A 24 5.38 6.76 -22.48
CA LEU A 24 4.31 6.66 -23.43
C LEU A 24 2.98 6.63 -22.71
N PRO A 25 1.87 6.75 -23.42
CA PRO A 25 0.58 6.50 -22.80
C PRO A 25 0.39 5.05 -22.41
N THR A 26 -0.74 4.77 -21.78
CA THR A 26 -1.06 3.43 -21.32
C THR A 26 -1.60 2.58 -22.46
N GLY A 27 -1.22 1.30 -22.46
CA GLY A 27 -1.65 0.38 -23.50
C GLY A 27 -0.92 0.46 -24.79
N SER A 28 0.18 1.21 -24.86
CA SER A 28 0.86 1.48 -26.10
C SER A 28 1.95 0.46 -26.41
N GLY A 29 2.02 -0.65 -25.69
CA GLY A 29 2.98 -1.67 -25.96
C GLY A 29 4.33 -1.35 -25.36
N LYS A 30 4.29 -1.11 -24.05
CA LYS A 30 5.47 -0.73 -23.31
C LYS A 30 6.40 -1.92 -23.10
N THR A 31 5.84 -3.03 -22.67
CA THR A 31 6.64 -4.22 -22.46
C THR A 31 7.27 -4.68 -23.76
N ARG A 32 6.55 -4.53 -24.87
CA ARG A 32 7.06 -5.05 -26.12
C ARG A 32 8.24 -4.25 -26.63
N VAL A 33 8.21 -2.93 -26.47
CA VAL A 33 9.36 -2.16 -26.88
C VAL A 33 10.53 -2.49 -25.96
N ALA A 34 10.24 -2.78 -24.70
CA ALA A 34 11.30 -3.27 -23.83
C ALA A 34 11.93 -4.53 -24.41
N VAL A 35 11.10 -5.49 -24.80
CA VAL A 35 11.58 -6.77 -25.33
C VAL A 35 12.47 -6.54 -26.53
N TYR A 36 12.02 -5.68 -27.45
CA TYR A 36 12.81 -5.43 -28.63
C TYR A 36 14.17 -4.85 -28.28
N ILE A 37 14.18 -3.90 -27.34
CA ILE A 37 15.44 -3.28 -26.98
C ILE A 37 16.36 -4.32 -26.36
N THR A 38 15.79 -5.24 -25.59
CA THR A 38 16.60 -6.32 -25.04
C THR A 38 17.26 -7.11 -26.14
N LYS A 39 16.46 -7.61 -27.07
CA LYS A 39 16.98 -8.45 -28.14
C LYS A 39 18.08 -7.75 -28.90
N ASP A 40 17.90 -6.47 -29.19
CA ASP A 40 18.94 -5.72 -29.89
C ASP A 40 20.20 -5.64 -29.06
N HIS A 41 20.06 -5.29 -27.78
CA HIS A 41 21.23 -5.11 -26.92
C HIS A 41 22.03 -6.40 -26.86
N LEU A 42 21.35 -7.52 -26.74
CA LEU A 42 22.07 -8.78 -26.58
C LEU A 42 22.71 -9.20 -27.88
N ASP A 43 22.00 -9.09 -28.99
CA ASP A 43 22.57 -9.41 -30.29
C ASP A 43 23.78 -8.53 -30.57
N LYS A 44 23.70 -7.25 -30.21
CA LYS A 44 24.80 -6.34 -30.40
C LYS A 44 26.01 -6.78 -29.59
N LYS A 45 25.82 -7.01 -28.28
CA LYS A 45 26.94 -7.36 -27.44
C LYS A 45 27.55 -8.70 -27.85
N LYS A 46 26.74 -9.60 -28.44
CA LYS A 46 27.31 -10.82 -29.01
C LYS A 46 28.19 -10.49 -30.21
N GLN A 47 27.66 -9.72 -31.15
CA GLN A 47 28.38 -9.41 -32.38
C GLN A 47 29.70 -8.70 -32.13
N ALA A 48 29.89 -8.12 -30.95
CA ALA A 48 31.12 -7.44 -30.58
C ALA A 48 31.96 -8.26 -29.60
N SER A 49 31.61 -9.52 -29.36
CA SER A 49 32.35 -10.39 -28.45
C SER A 49 32.38 -9.83 -27.03
N GLU A 50 31.30 -9.18 -26.62
CA GLU A 50 31.19 -8.57 -25.31
C GLU A 50 30.05 -9.23 -24.53
N SER A 51 30.30 -9.50 -23.26
CA SER A 51 29.31 -10.21 -22.45
C SER A 51 28.09 -9.32 -22.23
N GLY A 52 26.91 -9.91 -22.43
CA GLY A 52 25.66 -9.19 -22.34
C GLY A 52 24.65 -9.81 -21.42
N LYS A 53 24.31 -9.09 -20.34
CA LYS A 53 23.29 -9.51 -19.40
C LYS A 53 22.35 -8.34 -19.13
N VAL A 54 21.05 -8.61 -19.24
CA VAL A 54 20.02 -7.63 -18.96
C VAL A 54 19.30 -8.06 -17.71
N ILE A 55 18.96 -7.08 -16.88
CA ILE A 55 18.14 -7.32 -15.70
C ILE A 55 16.97 -6.36 -15.73
N VAL A 56 15.78 -6.90 -15.49
CA VAL A 56 14.57 -6.13 -15.37
C VAL A 56 14.24 -5.99 -13.90
N LEU A 57 13.92 -4.77 -13.49
CA LEU A 57 13.48 -4.50 -12.14
C LEU A 57 12.03 -4.04 -12.13
N VAL A 58 11.29 -4.66 -11.23
CA VAL A 58 9.90 -4.32 -10.98
C VAL A 58 9.69 -4.14 -9.50
N ASN A 59 8.59 -3.50 -9.16
CA ASN A 59 8.26 -3.15 -7.78
C ASN A 59 7.41 -4.20 -7.10
N LYS A 60 6.59 -4.92 -7.85
CA LYS A 60 5.67 -5.90 -7.31
C LYS A 60 6.18 -7.31 -7.58
N VAL A 61 5.45 -8.28 -7.07
CA VAL A 61 5.82 -9.68 -7.19
C VAL A 61 5.20 -10.28 -8.43
N MET A 62 3.97 -9.91 -8.75
CA MET A 62 3.25 -10.60 -9.80
C MET A 62 3.74 -10.20 -11.17
N LEU A 63 4.13 -8.93 -11.34
CA LEU A 63 4.63 -8.48 -12.63
C LEU A 63 5.83 -9.29 -13.10
N ALA A 64 6.59 -9.86 -12.17
CA ALA A 64 7.76 -10.62 -12.58
C ALA A 64 7.34 -11.89 -13.31
N GLU A 65 6.57 -12.73 -12.65
CA GLU A 65 6.04 -13.94 -13.28
C GLU A 65 5.26 -13.60 -14.54
N GLN A 66 4.46 -12.54 -14.47
CA GLN A 66 3.66 -12.00 -15.55
C GLN A 66 4.49 -11.80 -16.81
N LEU A 67 5.51 -10.95 -16.69
CA LEU A 67 6.33 -10.63 -17.83
C LEU A 67 7.14 -11.82 -18.27
N PHE A 68 7.51 -12.71 -17.34
CA PHE A 68 8.21 -13.92 -17.74
C PHE A 68 7.35 -14.75 -18.66
N ARG A 69 6.05 -14.80 -18.39
CA ARG A 69 5.20 -15.69 -19.15
C ARG A 69 4.77 -15.08 -20.47
N LYS A 70 4.38 -13.81 -20.46
CA LYS A 70 3.65 -13.30 -21.61
C LYS A 70 4.51 -12.62 -22.66
N GLU A 71 5.59 -11.96 -22.27
CA GLU A 71 6.32 -11.09 -23.17
C GLU A 71 7.75 -11.52 -23.42
N PHE A 72 8.54 -11.75 -22.37
CA PHE A 72 9.94 -12.03 -22.58
C PHE A 72 10.18 -13.46 -23.08
N ASN A 73 9.63 -14.45 -22.38
CA ASN A 73 9.89 -15.83 -22.77
C ASN A 73 9.33 -16.21 -24.13
N PRO A 74 8.07 -15.89 -24.48
CA PRO A 74 7.54 -16.35 -25.77
C PRO A 74 8.33 -15.90 -26.99
N TYR A 75 9.15 -14.86 -26.87
CA TYR A 75 9.89 -14.34 -28.00
C TYR A 75 11.38 -14.59 -27.92
N LEU A 76 11.93 -14.76 -26.72
CA LEU A 76 13.37 -14.91 -26.53
C LEU A 76 13.75 -16.28 -26.02
N LYS A 77 12.81 -17.23 -25.98
CA LYS A 77 13.11 -18.59 -25.57
C LYS A 77 14.19 -19.21 -26.43
N LYS A 78 14.22 -18.88 -27.71
CA LYS A 78 15.01 -19.62 -28.68
C LYS A 78 16.45 -19.15 -28.75
N TRP A 79 16.68 -17.85 -28.59
CA TRP A 79 18.03 -17.32 -28.67
C TRP A 79 18.75 -17.33 -27.34
N TYR A 80 18.04 -17.06 -26.24
CA TYR A 80 18.67 -16.74 -24.98
C TYR A 80 18.02 -17.46 -23.82
N ARG A 81 18.65 -17.30 -22.65
CA ARG A 81 18.22 -17.91 -21.41
C ARG A 81 17.57 -16.88 -20.50
N ILE A 82 16.38 -17.20 -19.99
CA ILE A 82 15.53 -16.27 -19.27
C ILE A 82 15.21 -16.87 -17.90
N ILE A 83 14.91 -16.01 -16.94
CA ILE A 83 14.42 -16.46 -15.65
C ILE A 83 13.67 -15.34 -14.95
N GLY A 84 12.81 -15.71 -13.99
CA GLY A 84 12.00 -14.77 -13.23
C GLY A 84 12.01 -14.96 -11.73
N LEU A 85 12.47 -13.95 -10.99
CA LEU A 85 12.79 -14.06 -9.57
C LEU A 85 11.95 -13.12 -8.73
N SER A 86 11.71 -13.56 -7.51
CA SER A 86 10.80 -12.85 -6.63
C SER A 86 10.96 -13.41 -5.23
N GLY A 87 10.17 -12.89 -4.31
CA GLY A 87 10.14 -13.42 -2.97
C GLY A 87 9.22 -14.61 -2.80
N ASP A 88 8.71 -15.16 -3.90
CA ASP A 88 7.81 -16.30 -3.87
C ASP A 88 8.36 -17.41 -4.74
N THR A 89 9.67 -17.65 -4.66
CA THR A 89 10.32 -18.75 -5.35
C THR A 89 11.36 -19.33 -4.42
N GLN A 90 12.25 -20.16 -4.96
CA GLN A 90 13.37 -20.69 -4.22
C GLN A 90 14.69 -20.34 -4.87
N LEU A 91 14.66 -19.63 -5.99
CA LEU A 91 15.85 -19.19 -6.69
C LEU A 91 16.49 -17.98 -6.05
N LYS A 92 15.91 -17.44 -4.98
CA LYS A 92 16.51 -16.32 -4.28
C LYS A 92 17.82 -16.69 -3.61
N ILE A 93 18.06 -17.98 -3.39
CA ILE A 93 19.06 -18.38 -2.40
C ILE A 93 20.45 -18.17 -2.95
N SER A 94 20.73 -18.66 -4.16
CA SER A 94 21.98 -18.43 -4.86
C SER A 94 21.78 -17.42 -5.99
N PHE A 95 21.41 -16.21 -5.61
CA PHE A 95 21.26 -15.16 -6.61
C PHE A 95 22.58 -14.75 -7.26
N PRO A 96 23.73 -14.78 -6.57
CA PRO A 96 24.98 -14.51 -7.27
C PRO A 96 25.29 -15.52 -8.35
N GLU A 97 24.69 -16.71 -8.31
CA GLU A 97 25.01 -17.78 -9.24
C GLU A 97 24.11 -17.76 -10.46
N VAL A 98 22.85 -17.35 -10.31
CA VAL A 98 21.98 -17.25 -11.48
C VAL A 98 22.53 -16.22 -12.44
N VAL A 99 23.21 -15.19 -11.91
CA VAL A 99 23.85 -14.20 -12.76
C VAL A 99 24.89 -14.86 -13.65
N LYS A 100 25.59 -15.87 -13.14
CA LYS A 100 26.60 -16.57 -13.92
C LYS A 100 26.00 -17.31 -15.10
N SER A 101 24.69 -17.46 -15.15
CA SER A 101 23.97 -17.91 -16.34
C SER A 101 22.83 -16.93 -16.56
N TYR A 102 21.87 -17.32 -17.39
CA TYR A 102 20.58 -16.62 -17.50
C TYR A 102 20.75 -15.16 -17.88
N ASP A 103 21.17 -14.97 -19.12
CA ASP A 103 21.48 -13.65 -19.65
C ASP A 103 20.32 -12.68 -19.57
N VAL A 104 19.10 -13.16 -19.38
CA VAL A 104 17.93 -12.32 -19.14
C VAL A 104 17.38 -12.66 -17.78
N ILE A 105 17.45 -11.71 -16.87
CA ILE A 105 16.88 -11.84 -15.55
C ILE A 105 15.69 -10.91 -15.45
N ILE A 106 14.65 -11.40 -14.81
CA ILE A 106 13.56 -10.58 -14.30
C ILE A 106 13.63 -10.68 -12.80
N SER A 107 13.35 -9.57 -12.12
CA SER A 107 13.43 -9.60 -10.68
C SER A 107 12.54 -8.54 -10.06
N THR A 108 11.94 -8.94 -8.95
CA THR A 108 11.64 -7.98 -7.91
C THR A 108 12.94 -7.31 -7.47
N ALA A 109 12.81 -6.12 -6.91
CA ALA A 109 13.95 -5.22 -6.78
C ALA A 109 14.82 -5.56 -5.59
N GLN A 110 14.24 -5.55 -4.39
CA GLN A 110 15.05 -5.59 -3.18
C GLN A 110 15.88 -6.85 -3.04
N ILE A 111 15.58 -7.89 -3.83
CA ILE A 111 16.53 -8.98 -4.05
C ILE A 111 17.89 -8.42 -4.35
N LEU A 112 17.95 -7.56 -5.35
CA LEU A 112 19.22 -7.04 -5.83
C LEU A 112 19.91 -6.25 -4.76
N GLU A 113 19.22 -5.27 -4.17
CA GLU A 113 19.80 -4.45 -3.11
C GLU A 113 20.33 -5.30 -1.96
N ASN A 114 19.60 -6.36 -1.60
CA ASN A 114 20.09 -7.26 -0.57
C ASN A 114 21.41 -7.86 -0.98
N SER A 115 21.53 -8.25 -2.24
CA SER A 115 22.78 -8.87 -2.67
C SER A 115 23.92 -7.88 -2.71
N LEU A 116 23.63 -6.64 -3.12
CA LEU A 116 24.68 -5.63 -3.15
C LEU A 116 25.20 -5.35 -1.74
N LEU A 117 24.27 -5.13 -0.81
CA LEU A 117 24.71 -4.83 0.54
C LEU A 117 25.32 -6.05 1.21
N ASN A 118 25.00 -7.25 0.74
CA ASN A 118 25.70 -8.43 1.25
C ASN A 118 27.12 -8.46 0.74
N LEU A 119 27.32 -8.10 -0.53
CA LEU A 119 28.68 -8.01 -1.05
C LEU A 119 29.48 -6.96 -0.29
N GLU A 120 28.82 -5.91 0.18
CA GLU A 120 29.54 -4.79 0.78
C GLU A 120 29.47 -4.76 2.30
N SER A 121 28.81 -5.73 2.93
CA SER A 121 28.70 -5.75 4.38
C SER A 121 29.32 -6.99 5.01
N GLY A 122 29.05 -8.16 4.47
CA GLY A 122 29.63 -9.38 4.99
C GLY A 122 30.57 -9.99 3.97
N ASP A 123 31.01 -11.23 4.22
CA ASP A 123 31.91 -11.92 3.32
C ASP A 123 31.18 -12.81 2.32
N ASP A 124 29.90 -12.53 2.06
CA ASP A 124 29.15 -13.33 1.11
C ASP A 124 29.63 -13.05 -0.32
N ASP A 125 29.18 -13.90 -1.24
CA ASP A 125 29.61 -13.78 -2.64
C ASP A 125 29.11 -12.49 -3.25
N GLY A 126 27.79 -12.28 -3.23
CA GLY A 126 27.25 -11.02 -3.67
C GLY A 126 27.49 -10.75 -5.15
N VAL A 127 27.27 -9.49 -5.52
CA VAL A 127 27.37 -9.06 -6.91
C VAL A 127 27.55 -7.56 -6.92
N GLN A 128 28.06 -7.03 -8.03
CA GLN A 128 28.14 -5.61 -8.28
C GLN A 128 27.52 -5.31 -9.64
N LEU A 129 27.32 -4.02 -9.89
CA LEU A 129 26.72 -3.58 -11.14
C LEU A 129 27.60 -3.87 -12.34
N SER A 130 28.92 -3.98 -12.13
CA SER A 130 29.83 -4.27 -13.22
C SER A 130 29.50 -5.57 -13.94
N ASP A 131 28.79 -6.49 -13.29
CA ASP A 131 28.44 -7.76 -13.90
C ASP A 131 27.22 -7.68 -14.80
N PHE A 132 26.68 -6.49 -15.02
CA PHE A 132 25.57 -6.28 -15.93
C PHE A 132 26.00 -5.46 -17.14
N SER A 133 25.10 -5.37 -18.10
CA SER A 133 25.22 -4.44 -19.21
C SER A 133 23.92 -3.75 -19.56
N LEU A 134 22.86 -3.95 -18.78
CA LEU A 134 21.65 -3.18 -18.96
C LEU A 134 20.71 -3.42 -17.80
N ILE A 135 20.07 -2.35 -17.38
CA ILE A 135 19.04 -2.36 -16.35
C ILE A 135 17.81 -1.73 -16.95
N ILE A 136 16.77 -2.52 -17.09
CA ILE A 136 15.48 -2.04 -17.55
C ILE A 136 14.61 -1.97 -16.32
N ILE A 137 13.77 -0.98 -16.29
CA ILE A 137 13.00 -0.61 -15.12
C ILE A 137 11.57 -0.39 -15.52
N ASP A 138 10.66 -0.82 -14.66
CA ASP A 138 9.26 -0.51 -14.82
C ASP A 138 8.83 0.48 -13.73
N GLU A 139 7.93 1.38 -14.10
CA GLU A 139 7.35 2.38 -13.21
C GLU A 139 8.44 3.28 -12.63
N CYS A 140 8.98 4.10 -13.52
CA CYS A 140 10.03 5.07 -13.18
C CYS A 140 9.65 5.98 -12.02
N HIS A 141 8.38 6.34 -11.91
CA HIS A 141 7.96 7.39 -11.00
C HIS A 141 8.01 7.01 -9.53
N HIS A 142 8.49 5.83 -9.18
CA HIS A 142 8.75 5.51 -7.78
C HIS A 142 10.15 5.90 -7.36
N THR A 143 10.98 6.33 -8.29
CA THR A 143 12.31 6.80 -7.95
C THR A 143 12.23 8.15 -7.26
N ASN A 144 12.03 8.14 -5.96
CA ASN A 144 11.91 9.33 -5.15
C ASN A 144 12.58 9.03 -3.83
N LYS A 145 12.26 9.81 -2.79
CA LYS A 145 12.92 9.73 -1.50
C LYS A 145 12.93 8.33 -0.91
N GLU A 146 14.13 7.75 -0.79
CA GLU A 146 14.63 6.54 -0.14
C GLU A 146 13.77 5.33 -0.44
N ALA A 147 13.16 5.30 -1.61
CA ALA A 147 12.37 4.14 -2.02
C ALA A 147 13.31 3.01 -2.38
N VAL A 148 12.76 1.94 -2.93
CA VAL A 148 13.58 0.92 -3.53
C VAL A 148 13.18 0.77 -4.98
N TYR A 149 13.65 1.72 -5.74
CA TYR A 149 14.89 1.50 -6.44
C TYR A 149 15.43 2.92 -6.58
N ASN A 150 16.15 3.31 -5.60
CA ASN A 150 16.93 4.52 -5.66
C ASN A 150 18.28 4.36 -4.98
N ASN A 151 18.38 3.51 -3.95
CA ASN A 151 19.64 2.97 -3.50
C ASN A 151 20.47 2.51 -4.69
N ILE A 152 19.82 1.77 -5.59
CA ILE A 152 20.50 1.22 -6.75
C ILE A 152 21.12 2.35 -7.53
N MET A 153 20.33 3.38 -7.77
CA MET A 153 20.78 4.45 -8.61
C MET A 153 21.71 5.39 -7.88
N ARG A 154 21.57 5.52 -6.56
CA ARG A 154 22.54 6.32 -5.85
C ARG A 154 23.90 5.65 -5.89
N ARG A 155 23.94 4.32 -5.91
CA ARG A 155 25.22 3.63 -6.03
C ARG A 155 25.77 3.74 -7.44
N TYR A 156 24.88 3.62 -8.43
CA TYR A 156 25.28 3.82 -9.82
C TYR A 156 25.87 5.20 -10.01
N LEU A 157 25.26 6.22 -9.42
CA LEU A 157 25.73 7.58 -9.57
C LEU A 157 27.02 7.78 -8.82
N LYS A 158 27.16 7.14 -7.66
CA LYS A 158 28.40 7.22 -6.91
C LYS A 158 29.55 6.69 -7.75
N GLN A 159 29.33 5.55 -8.40
CA GLN A 159 30.39 4.99 -9.21
C GLN A 159 30.61 5.81 -10.47
N LYS A 160 29.56 6.44 -11.00
CA LYS A 160 29.74 7.30 -12.16
C LYS A 160 30.59 8.50 -11.82
N LEU A 161 30.39 9.08 -10.65
CA LEU A 161 31.22 10.21 -10.26
C LEU A 161 32.64 9.76 -9.98
N ARG A 162 32.81 8.53 -9.49
CA ARG A 162 34.15 7.96 -9.40
C ARG A 162 34.79 7.89 -10.79
N ASN A 163 34.02 7.45 -11.79
CA ASN A 163 34.53 7.40 -13.15
C ASN A 163 34.88 8.79 -13.66
N ASN A 164 34.06 9.78 -13.32
CA ASN A 164 34.29 11.12 -13.84
C ASN A 164 35.51 11.76 -13.21
N ASP A 165 35.71 11.51 -11.91
CA ASP A 165 36.96 11.95 -11.28
C ASP A 165 38.15 11.19 -11.82
N LEU A 166 37.94 9.95 -12.27
CA LEU A 166 39.03 9.22 -12.92
C LEU A 166 39.39 9.85 -14.24
N LYS A 167 38.38 10.22 -15.03
CA LYS A 167 38.61 10.80 -16.35
C LYS A 167 39.51 12.03 -16.27
N LYS A 168 39.31 12.84 -15.24
CA LYS A 168 40.17 13.99 -14.99
C LYS A 168 41.29 13.62 -14.02
N ALA A 173 38.61 3.39 -15.62
CA ALA A 173 37.20 3.67 -15.82
C ALA A 173 36.40 2.40 -15.96
N ILE A 174 35.66 2.06 -14.92
CA ILE A 174 34.80 0.87 -14.99
C ILE A 174 33.74 1.09 -16.05
N PRO A 175 33.43 0.12 -16.92
CA PRO A 175 32.31 0.32 -17.85
C PRO A 175 30.98 0.18 -17.15
N LEU A 176 30.28 1.30 -16.98
CA LEU A 176 29.00 1.22 -16.30
C LEU A 176 27.91 0.74 -17.25
N PRO A 177 26.88 0.13 -16.72
CA PRO A 177 25.83 -0.37 -17.58
C PRO A 177 24.99 0.74 -18.19
N GLN A 178 24.05 0.33 -19.02
CA GLN A 178 23.05 1.20 -19.61
C GLN A 178 21.78 1.08 -18.79
N ILE A 179 20.98 2.14 -18.79
CA ILE A 179 19.76 2.20 -18.01
C ILE A 179 18.63 2.64 -18.91
N LEU A 180 17.51 1.94 -18.79
CA LEU A 180 16.32 2.21 -19.58
C LEU A 180 15.11 2.16 -18.65
N GLY A 181 14.61 3.34 -18.33
CA GLY A 181 13.41 3.44 -17.54
C GLY A 181 12.18 3.55 -18.41
N LEU A 182 11.12 2.88 -17.99
CA LEU A 182 9.86 2.87 -18.70
C LEU A 182 8.76 3.28 -17.75
N THR A 183 7.81 4.07 -18.25
CA THR A 183 6.69 4.47 -17.41
C THR A 183 5.52 4.84 -18.28
N ALA A 184 4.47 5.34 -17.63
CA ALA A 184 3.33 5.97 -18.27
C ALA A 184 3.38 7.48 -18.16
N SER A 185 3.72 7.97 -16.98
CA SER A 185 3.95 9.39 -16.77
C SER A 185 4.72 9.62 -15.49
N PRO A 186 5.85 10.32 -15.53
CA PRO A 186 6.67 10.43 -14.32
C PRO A 186 6.05 11.23 -13.21
N GLY A 187 5.10 12.09 -13.51
CA GLY A 187 4.34 12.72 -12.47
C GLY A 187 4.98 13.95 -11.86
N VAL A 188 4.18 14.97 -11.62
CA VAL A 188 4.63 16.15 -10.91
C VAL A 188 4.66 15.85 -9.41
N GLY A 189 5.81 16.05 -8.80
CA GLY A 189 5.96 15.72 -7.41
C GLY A 189 5.55 16.80 -6.45
N ALA A 190 4.24 17.03 -6.33
CA ALA A 190 3.68 17.88 -5.28
C ALA A 190 4.26 19.29 -5.38
N ALA A 191 3.97 19.92 -6.52
CA ALA A 191 4.52 21.23 -6.84
C ALA A 191 3.41 22.05 -7.47
N LYS A 192 3.17 23.22 -6.92
CA LYS A 192 2.36 24.42 -7.04
C LYS A 192 2.88 25.39 -8.08
N LYS A 193 3.86 24.99 -8.88
CA LYS A 193 4.35 25.82 -9.97
C LYS A 193 4.88 24.93 -11.08
N GLN A 194 4.85 25.48 -12.29
CA GLN A 194 5.44 24.77 -13.41
C GLN A 194 6.94 24.61 -13.24
N SER A 195 7.60 25.58 -12.60
CA SER A 195 9.04 25.51 -12.47
C SER A 195 9.44 24.42 -11.50
N GLU A 196 8.73 24.30 -10.39
CA GLU A 196 9.05 23.22 -9.45
C GLU A 196 8.71 21.87 -10.06
N ALA A 197 7.72 21.82 -10.94
CA ALA A 197 7.44 20.60 -11.67
C ALA A 197 8.65 20.21 -12.52
N GLU A 198 9.18 21.19 -13.27
CA GLU A 198 10.39 20.97 -14.03
C GLU A 198 11.49 20.44 -13.14
N LYS A 199 11.69 21.09 -11.99
CA LYS A 199 12.74 20.68 -11.08
C LYS A 199 12.57 19.22 -10.66
N HIS A 200 11.33 18.79 -10.49
CA HIS A 200 11.08 17.41 -10.10
C HIS A 200 11.40 16.45 -11.23
N ILE A 201 10.98 16.78 -12.45
CA ILE A 201 11.31 15.94 -13.59
C ILE A 201 12.81 15.78 -13.71
N LEU A 202 13.54 16.88 -13.55
CA LEU A 202 14.97 16.77 -13.64
C LEU A 202 15.54 15.96 -12.48
N ASN A 203 14.88 16.00 -11.32
CA ASN A 203 15.33 15.18 -10.22
C ASN A 203 15.20 13.71 -10.55
N ILE A 204 14.10 13.34 -11.19
CA ILE A 204 13.94 11.97 -11.65
C ILE A 204 15.07 11.62 -12.61
N CYS A 205 15.27 12.47 -13.62
CA CYS A 205 16.24 12.16 -14.66
C CYS A 205 17.64 12.02 -14.10
N ALA A 206 17.96 12.79 -13.07
CA ALA A 206 19.24 12.62 -12.40
C ALA A 206 19.28 11.31 -11.65
N ASN A 207 18.18 10.94 -11.01
CA ASN A 207 18.15 9.66 -10.32
C ASN A 207 18.10 8.48 -11.28
N LEU A 208 17.99 8.72 -12.58
CA LEU A 208 18.15 7.69 -13.59
C LEU A 208 19.23 7.99 -14.61
N ASP A 209 19.98 9.07 -14.45
CA ASP A 209 21.14 9.34 -15.30
C ASP A 209 20.73 9.47 -16.76
N ALA A 210 19.55 10.03 -16.98
CA ALA A 210 18.97 10.01 -18.29
C ALA A 210 19.69 10.97 -19.22
N PHE A 211 19.33 10.87 -20.49
CA PHE A 211 19.72 11.79 -21.55
C PHE A 211 18.54 12.57 -22.09
N THR A 212 17.34 12.00 -22.07
CA THR A 212 16.11 12.64 -22.56
C THR A 212 14.93 12.00 -21.83
N ILE A 213 13.73 12.28 -22.34
CA ILE A 213 12.51 11.62 -21.92
C ILE A 213 11.89 10.82 -23.06
N LYS A 214 11.88 11.38 -24.26
CA LYS A 214 11.34 10.72 -25.45
C LYS A 214 9.87 10.35 -25.27
N THR A 215 9.06 11.40 -25.26
CA THR A 215 7.64 11.27 -25.53
C THR A 215 7.43 11.14 -27.03
N VAL A 216 6.38 10.42 -27.39
CA VAL A 216 5.99 10.30 -28.78
C VAL A 216 5.33 11.60 -29.22
N LYS A 217 5.78 12.15 -30.33
CA LYS A 217 5.15 13.34 -30.91
C LYS A 217 4.88 13.22 -32.41
N GLU A 218 5.74 12.54 -33.16
CA GLU A 218 5.63 12.59 -34.62
C GLU A 218 4.51 11.69 -35.12
N ASN A 219 4.64 10.38 -34.91
CA ASN A 219 3.66 9.42 -35.41
C ASN A 219 2.52 9.29 -34.39
N LEU A 220 1.84 10.42 -34.21
CA LEU A 220 0.83 10.56 -33.17
C LEU A 220 -0.52 10.06 -33.60
N GLY A 221 -0.87 10.22 -34.89
CA GLY A 221 -2.19 9.81 -35.34
C GLY A 221 -2.41 8.33 -35.23
N GLN A 222 -1.36 7.54 -35.51
CA GLN A 222 -1.46 6.09 -35.36
C GLN A 222 -1.79 5.72 -33.92
N LEU A 223 -1.28 6.52 -32.97
CA LEU A 223 -1.61 6.28 -31.57
C LEU A 223 -3.07 6.58 -31.32
N LYS A 224 -3.53 7.75 -31.75
CA LYS A 224 -4.92 8.14 -31.50
C LYS A 224 -5.89 7.15 -32.11
N HIS A 225 -5.53 6.56 -33.24
CA HIS A 225 -6.38 5.54 -33.84
C HIS A 225 -6.30 4.24 -33.04
N GLN A 226 -5.08 3.75 -32.79
CA GLN A 226 -4.91 2.49 -32.09
C GLN A 226 -5.27 2.62 -30.61
N ILE A 227 -5.07 3.81 -30.04
CA ILE A 227 -5.24 4.05 -28.62
C ILE A 227 -6.09 5.30 -28.46
N LYS A 228 -7.02 5.24 -27.52
CA LYS A 228 -7.96 6.32 -27.30
C LYS A 228 -8.21 6.48 -25.81
N GLU A 229 -8.78 7.61 -25.45
CA GLU A 229 -9.10 7.93 -24.08
C GLU A 229 -10.55 7.56 -23.77
N PRO A 230 -10.90 7.46 -22.49
CA PRO A 230 -12.30 7.48 -22.10
C PRO A 230 -12.79 8.92 -22.01
N CYS A 231 -14.06 9.08 -21.63
CA CYS A 231 -14.67 10.38 -21.40
C CYS A 231 -14.77 10.63 -19.91
N LYS A 232 -14.22 11.76 -19.46
CA LYS A 232 -14.32 12.12 -18.05
C LYS A 232 -15.74 12.56 -17.74
N LYS A 233 -16.16 12.30 -16.52
CA LYS A 233 -17.55 12.50 -16.15
C LYS A 233 -17.66 12.56 -14.64
N PHE A 234 -18.50 13.47 -14.16
CA PHE A 234 -18.78 13.60 -12.74
C PHE A 234 -20.24 13.35 -12.47
N VAL A 235 -20.51 12.85 -11.26
CA VAL A 235 -21.86 12.67 -10.76
C VAL A 235 -21.84 13.08 -9.31
N ILE A 236 -22.70 14.02 -8.95
CA ILE A 236 -22.67 14.68 -7.65
C ILE A 236 -24.05 14.58 -7.05
N ALA A 237 -24.10 14.47 -5.73
CA ALA A 237 -25.33 14.45 -4.98
C ALA A 237 -25.18 15.30 -3.73
N ASP A 238 -26.30 15.56 -3.06
CA ASP A 238 -26.31 16.33 -1.82
C ASP A 238 -27.33 15.73 -0.88
N ASP A 239 -27.09 15.87 0.43
CA ASP A 239 -27.89 15.20 1.43
C ASP A 239 -27.98 16.06 2.68
N THR A 240 -29.18 16.55 2.99
CA THR A 240 -29.53 17.08 4.31
C THR A 240 -30.89 16.52 4.70
N ARG A 241 -30.93 15.28 5.18
CA ARG A 241 -32.07 14.81 5.97
C ARG A 241 -31.64 14.09 7.23
N GLU A 242 -30.63 13.21 7.14
CA GLU A 242 -30.02 12.47 8.25
C GLU A 242 -31.05 11.91 9.22
N ASN A 243 -32.15 11.40 8.67
CA ASN A 243 -33.44 11.52 9.32
C ASN A 243 -33.48 10.95 10.75
N PRO A 244 -33.45 9.63 10.96
CA PRO A 244 -33.58 9.16 12.34
C PRO A 244 -32.25 8.90 13.04
N PHE A 245 -31.22 8.64 12.25
CA PHE A 245 -30.14 7.76 12.69
C PHE A 245 -28.92 8.52 13.21
N LYS A 246 -28.42 9.46 12.41
CA LYS A 246 -27.26 10.26 12.79
C LYS A 246 -27.47 10.85 14.18
N GLU A 247 -28.54 11.62 14.36
CA GLU A 247 -28.82 12.22 15.66
C GLU A 247 -28.98 11.16 16.74
N LYS A 248 -29.52 10.00 16.36
CA LYS A 248 -29.67 8.92 17.31
C LYS A 248 -28.33 8.41 17.80
N LEU A 249 -27.26 8.65 17.05
CA LEU A 249 -25.91 8.35 17.53
C LEU A 249 -25.24 9.54 18.21
N LEU A 250 -25.49 10.74 17.70
CA LEU A 250 -24.90 11.93 18.30
C LEU A 250 -25.38 12.08 19.73
N GLU A 251 -26.61 11.67 20.02
CA GLU A 251 -27.10 11.68 21.39
C GLU A 251 -26.23 10.82 22.28
N ILE A 252 -25.92 9.61 21.83
CA ILE A 252 -25.12 8.69 22.61
C ILE A 252 -23.75 9.31 22.87
N MET A 253 -23.11 9.79 21.80
CA MET A 253 -21.76 10.34 21.94
C MET A 253 -21.75 11.51 22.90
N ALA A 254 -22.76 12.38 22.78
CA ALA A 254 -22.85 13.52 23.68
C ALA A 254 -23.00 13.07 25.11
N SER A 255 -23.81 12.05 25.34
CA SER A 255 -23.99 11.53 26.68
C SER A 255 -22.67 11.02 27.24
N ILE A 256 -21.90 10.33 26.41
CA ILE A 256 -20.64 9.77 26.88
C ILE A 256 -19.69 10.90 27.25
N GLN A 257 -19.62 11.93 26.41
CA GLN A 257 -18.72 13.03 26.70
C GLN A 257 -19.10 13.73 27.98
N THR A 258 -20.38 14.05 28.13
CA THR A 258 -20.85 14.70 29.34
C THR A 258 -20.78 13.79 30.56
N TYR A 259 -20.51 12.49 30.35
CA TYR A 259 -20.08 11.63 31.44
C TYR A 259 -18.58 11.67 31.67
N CYS A 260 -17.80 12.06 30.66
CA CYS A 260 -16.35 12.12 30.77
C CYS A 260 -15.83 13.52 31.08
N GLN A 261 -16.59 14.57 30.78
CA GLN A 261 -16.13 15.96 30.92
C GLN A 261 -14.88 16.21 30.07
N LYS A 262 -15.04 16.08 28.76
CA LYS A 262 -13.99 16.37 27.81
C LYS A 262 -14.56 17.20 26.68
N SER A 263 -13.95 18.37 26.43
CA SER A 263 -14.43 19.32 25.45
C SER A 263 -13.62 19.17 24.17
N PRO A 264 -14.19 18.67 23.07
CA PRO A 264 -13.37 18.45 21.88
C PRO A 264 -12.87 19.72 21.22
N MET A 265 -13.70 20.77 21.19
CA MET A 265 -13.49 21.92 20.31
C MET A 265 -13.48 21.47 18.85
N SER A 266 -14.50 20.71 18.49
CA SER A 266 -14.54 20.06 17.19
C SER A 266 -15.93 19.50 16.98
N ASP A 267 -16.08 18.71 15.91
CA ASP A 267 -17.37 18.22 15.43
C ASP A 267 -17.43 16.69 15.51
N PHE A 268 -18.65 16.18 15.47
CA PHE A 268 -18.91 14.76 15.38
C PHE A 268 -18.96 14.31 13.92
N GLY A 269 -18.19 13.30 13.61
CA GLY A 269 -18.27 12.65 12.33
C GLY A 269 -17.24 13.16 11.36
N THR A 270 -16.02 13.34 11.86
CA THR A 270 -14.93 13.83 11.04
C THR A 270 -13.64 13.19 11.52
N GLN A 271 -12.51 13.76 11.12
CA GLN A 271 -11.21 13.16 11.33
C GLN A 271 -10.37 13.86 12.38
N HIS A 272 -10.60 15.14 12.62
CA HIS A 272 -9.89 15.80 13.72
C HIS A 272 -10.36 15.26 15.06
N TYR A 273 -11.66 15.00 15.18
CA TYR A 273 -12.21 14.42 16.39
C TYR A 273 -11.55 13.09 16.70
N GLU A 274 -11.31 12.29 15.66
CA GLU A 274 -10.62 11.03 15.85
C GLU A 274 -9.24 11.25 16.43
N GLN A 275 -8.47 12.15 15.83
CA GLN A 275 -7.12 12.45 16.31
C GLN A 275 -7.15 12.87 17.78
N TRP A 276 -8.16 13.65 18.16
CA TRP A 276 -8.30 14.03 19.56
C TRP A 276 -8.53 12.80 20.42
N ALA A 277 -9.41 11.91 19.98
CA ALA A 277 -9.69 10.70 20.73
C ALA A 277 -8.43 9.89 20.94
N ILE A 278 -7.62 9.77 19.90
CA ILE A 278 -6.37 9.02 19.99
C ILE A 278 -5.48 9.62 21.07
N GLN A 279 -5.21 10.91 20.95
CA GLN A 279 -4.21 11.47 21.86
C GLN A 279 -4.74 11.52 23.27
N MET A 280 -6.05 11.61 23.43
CA MET A 280 -6.64 11.54 24.76
C MET A 280 -6.47 10.16 25.36
N GLU A 281 -6.71 9.12 24.56
CA GLU A 281 -6.50 7.76 25.03
C GLU A 281 -5.05 7.55 25.42
N LYS A 282 -4.13 7.99 24.59
CA LYS A 282 -2.72 7.81 24.88
C LYS A 282 -2.32 8.56 26.14
N LYS A 283 -2.90 9.74 26.35
CA LYS A 283 -2.57 10.51 27.54
C LYS A 283 -3.12 9.83 28.78
N ALA A 284 -4.38 9.41 28.73
CA ALA A 284 -4.99 8.72 29.85
C ALA A 284 -4.24 7.45 30.21
N ALA A 285 -3.64 6.81 29.21
CA ALA A 285 -2.90 5.60 29.49
C ALA A 285 -1.51 5.90 30.04
N LYS A 286 -0.85 6.93 29.52
CA LYS A 286 0.43 7.35 30.10
C LYS A 286 0.25 7.81 31.53
N ASP A 287 -0.93 8.34 31.86
CA ASP A 287 -1.24 8.68 33.23
C ASP A 287 -1.73 7.45 34.00
N GLY A 288 -2.64 6.70 33.39
CA GLY A 288 -3.22 5.51 33.98
C GLY A 288 -4.69 5.61 34.33
N ASN A 289 -5.30 6.77 34.17
CA ASN A 289 -6.70 6.97 34.52
C ASN A 289 -7.60 6.33 33.46
N ARG A 290 -8.42 5.38 33.88
CA ARG A 290 -9.53 4.89 33.08
C ARG A 290 -10.68 5.90 33.13
N LYS A 291 -11.85 5.49 32.64
CA LYS A 291 -13.08 6.28 32.45
C LYS A 291 -12.98 7.24 31.27
N ASP A 292 -11.80 7.41 30.73
CA ASP A 292 -11.52 8.37 29.68
C ASP A 292 -11.03 7.70 28.43
N ARG A 293 -10.19 6.70 28.62
CA ARG A 293 -9.53 5.97 27.57
C ARG A 293 -10.40 4.90 26.96
N VAL A 294 -11.13 4.17 27.79
CA VAL A 294 -12.06 3.18 27.27
C VAL A 294 -13.21 3.89 26.57
N CYS A 295 -13.64 5.01 27.13
CA CYS A 295 -14.68 5.79 26.49
C CYS A 295 -14.19 6.33 25.17
N ALA A 296 -12.96 6.81 25.12
CA ALA A 296 -12.35 7.21 23.86
C ALA A 296 -12.32 6.07 22.87
N GLU A 297 -11.95 4.88 23.34
CA GLU A 297 -11.85 3.72 22.46
C GLU A 297 -13.20 3.40 21.84
N HIS A 298 -14.28 3.70 22.55
CA HIS A 298 -15.60 3.52 21.96
C HIS A 298 -15.96 4.66 21.03
N LEU A 299 -15.67 5.90 21.44
CA LEU A 299 -16.00 7.06 20.63
C LEU A 299 -15.33 6.99 19.27
N ARG A 300 -14.14 6.42 19.21
CA ARG A 300 -13.50 6.21 17.92
C ARG A 300 -14.33 5.30 17.05
N LYS A 301 -14.91 4.24 17.63
CA LYS A 301 -15.74 3.34 16.84
C LYS A 301 -17.01 4.03 16.38
N TYR A 302 -17.60 4.85 17.24
CA TYR A 302 -18.78 5.59 16.83
C TYR A 302 -18.48 6.56 15.71
N ASN A 303 -17.36 7.27 15.82
CA ASN A 303 -16.97 8.20 14.77
C ASN A 303 -16.75 7.48 13.45
N GLU A 304 -16.10 6.31 13.50
CA GLU A 304 -15.91 5.54 12.29
C GLU A 304 -17.24 5.14 11.70
N ALA A 305 -18.20 4.80 12.57
CA ALA A 305 -19.53 4.44 12.10
C ALA A 305 -20.18 5.60 11.39
N LEU A 306 -20.01 6.81 11.92
CA LEU A 306 -20.62 7.96 11.28
C LEU A 306 -19.97 8.24 9.93
N GLN A 307 -18.64 8.12 9.88
CA GLN A 307 -17.93 8.38 8.63
C GLN A 307 -18.37 7.42 7.54
N ILE A 308 -18.51 6.13 7.89
CA ILE A 308 -18.95 5.19 6.87
C ILE A 308 -20.43 5.37 6.56
N ASN A 309 -21.19 5.91 7.52
CA ASN A 309 -22.58 6.27 7.21
C ASN A 309 -22.63 7.34 6.15
N ASP A 310 -21.66 8.24 6.12
CA ASP A 310 -21.66 9.26 5.08
C ASP A 310 -21.57 8.63 3.69
N THR A 311 -21.01 7.43 3.57
CA THR A 311 -20.81 6.76 2.30
C THR A 311 -21.58 5.46 2.14
N ILE A 312 -21.88 4.77 3.25
CA ILE A 312 -22.44 3.43 3.24
C ILE A 312 -23.70 3.45 4.10
N ARG A 313 -24.55 2.45 3.90
CA ARG A 313 -25.77 2.29 4.66
C ARG A 313 -25.59 2.32 6.16
N MET A 314 -26.68 2.64 6.86
CA MET A 314 -26.68 2.58 8.31
C MET A 314 -26.51 1.15 8.81
N ILE A 315 -26.94 0.18 8.02
CA ILE A 315 -26.90 -1.21 8.48
C ILE A 315 -25.46 -1.67 8.62
N ASP A 316 -24.58 -1.17 7.77
CA ASP A 316 -23.18 -1.57 7.86
C ASP A 316 -22.54 -1.01 9.12
N ALA A 317 -22.88 0.23 9.48
CA ALA A 317 -22.36 0.78 10.72
C ALA A 317 -22.92 0.05 11.92
N TYR A 318 -24.21 -0.27 11.87
CA TYR A 318 -24.81 -1.02 12.96
C TYR A 318 -24.15 -2.37 13.10
N SER A 319 -23.80 -2.99 11.97
CA SER A 319 -23.14 -4.28 12.03
C SER A 319 -21.74 -4.14 12.59
N HIS A 320 -20.99 -3.14 12.13
CA HIS A 320 -19.66 -2.85 12.65
C HIS A 320 -19.69 -2.75 14.17
N LEU A 321 -20.65 -1.98 14.68
CA LEU A 321 -20.77 -1.83 16.12
C LEU A 321 -21.19 -3.14 16.78
N GLU A 322 -22.11 -3.87 16.15
CA GLU A 322 -22.56 -5.14 16.71
C GLU A 322 -21.39 -6.08 16.88
N THR A 323 -20.52 -6.13 15.89
CA THR A 323 -19.35 -6.98 15.97
C THR A 323 -18.47 -6.57 17.13
N PHE A 324 -18.22 -5.26 17.23
CA PHE A 324 -17.41 -4.74 18.33
C PHE A 324 -17.95 -5.17 19.69
N TYR A 325 -19.21 -4.84 19.96
CA TYR A 325 -19.73 -5.07 21.30
C TYR A 325 -19.98 -6.54 21.57
N THR A 326 -20.39 -7.31 20.57
CA THR A 326 -20.49 -8.75 20.74
C THR A 326 -19.15 -9.33 21.13
N ASP A 327 -18.09 -8.91 20.46
CA ASP A 327 -16.76 -9.37 20.83
C ASP A 327 -16.44 -9.01 22.26
N GLU A 328 -16.76 -7.77 22.67
CA GLU A 328 -16.41 -7.35 24.02
C GLU A 328 -17.15 -8.16 25.07
N LYS A 329 -18.43 -8.45 24.82
CA LYS A 329 -19.19 -9.26 25.76
C LYS A 329 -18.63 -10.66 25.85
N GLU A 330 -18.25 -11.24 24.70
CA GLU A 330 -17.64 -12.57 24.73
C GLU A 330 -16.34 -12.55 25.49
N LYS A 331 -15.57 -11.47 25.36
CA LYS A 331 -14.32 -11.35 26.11
C LYS A 331 -14.59 -11.35 27.59
N LYS A 332 -15.52 -10.52 28.03
CA LYS A 332 -15.80 -10.42 29.45
C LYS A 332 -16.36 -11.72 30.00
N PHE A 333 -17.08 -12.48 29.18
CA PHE A 333 -17.60 -13.76 29.66
C PHE A 333 -16.50 -14.80 29.74
N ALA A 334 -15.61 -14.85 28.74
CA ALA A 334 -14.49 -15.76 28.81
C ALA A 334 -13.61 -15.45 30.01
N VAL A 335 -13.44 -14.17 30.32
CA VAL A 335 -12.64 -13.79 31.48
C VAL A 335 -13.35 -14.20 32.78
N LEU A 336 -14.64 -13.90 32.89
CA LEU A 336 -15.39 -14.18 34.10
C LEU A 336 -15.81 -15.63 34.21
N ASN A 337 -15.71 -16.41 33.15
CA ASN A 337 -16.00 -17.83 33.23
C ASN A 337 -14.88 -18.56 33.98
N LYS A 344 -14.34 -6.31 38.52
CA LYS A 344 -15.35 -7.10 37.82
C LYS A 344 -16.56 -6.26 37.48
N LEU A 345 -16.81 -6.08 36.17
CA LEU A 345 -17.92 -5.29 35.68
C LEU A 345 -17.86 -3.87 36.21
N ASP A 346 -16.80 -3.16 35.83
CA ASP A 346 -16.57 -1.81 36.33
C ASP A 346 -17.72 -0.90 35.97
N GLU A 347 -17.79 0.23 36.66
CA GLU A 347 -18.88 1.18 36.43
C GLU A 347 -18.84 1.70 35.02
N THR A 348 -17.66 1.87 34.46
CA THR A 348 -17.52 2.39 33.11
C THR A 348 -18.19 1.47 32.12
N ASP A 349 -17.63 0.27 31.94
CA ASP A 349 -18.13 -0.65 30.93
C ASP A 349 -19.60 -0.97 31.13
N GLU A 350 -20.02 -1.07 32.39
CA GLU A 350 -21.43 -1.27 32.68
C GLU A 350 -22.26 -0.11 32.13
N PHE A 351 -21.81 1.12 32.38
CA PHE A 351 -22.54 2.29 31.88
C PHE A 351 -22.60 2.28 30.36
N LEU A 352 -21.48 1.96 29.72
CA LEU A 352 -21.43 2.02 28.26
C LEU A 352 -22.35 0.98 27.65
N MET A 353 -22.29 -0.24 28.18
CA MET A 353 -23.14 -1.29 27.68
C MET A 353 -24.61 -0.96 27.91
N ASN A 354 -24.96 -0.50 29.11
CA ASN A 354 -26.34 -0.13 29.38
C ASN A 354 -26.80 0.99 28.46
N LEU A 355 -25.87 1.86 28.06
CA LEU A 355 -26.21 2.94 27.13
C LEU A 355 -26.41 2.42 25.72
N PHE A 356 -25.72 1.34 25.36
CA PHE A 356 -25.78 0.86 23.99
C PHE A 356 -26.92 -0.13 23.77
N PHE A 357 -27.03 -1.15 24.62
CA PHE A 357 -27.90 -2.27 24.34
C PHE A 357 -29.36 -1.89 24.47
N ASP A 358 -29.67 -0.91 25.33
CA ASP A 358 -31.04 -0.43 25.41
C ASP A 358 -31.49 0.15 24.08
N ASN A 359 -30.58 0.77 23.35
CA ASN A 359 -30.88 1.39 22.08
C ASN A 359 -30.54 0.52 20.88
N LYS A 360 -29.97 -0.67 21.11
CA LYS A 360 -29.61 -1.58 20.03
C LYS A 360 -30.79 -1.88 19.12
N LYS A 361 -31.94 -2.24 19.72
CA LYS A 361 -33.11 -2.58 18.92
C LYS A 361 -33.63 -1.36 18.17
N MET A 362 -33.62 -0.21 18.84
CA MET A 362 -34.03 1.02 18.19
C MET A 362 -33.18 1.27 16.95
N LEU A 363 -31.86 1.32 17.13
CA LEU A 363 -30.96 1.57 16.00
C LEU A 363 -31.16 0.55 14.88
N LYS A 364 -31.48 -0.69 15.23
CA LYS A 364 -31.74 -1.68 14.20
C LYS A 364 -33.00 -1.31 13.43
N LYS A 365 -34.00 -0.76 14.12
CA LYS A 365 -35.21 -0.35 13.42
C LYS A 365 -34.96 0.88 12.57
N LEU A 366 -34.26 1.87 13.12
CA LEU A 366 -34.02 3.12 12.41
C LEU A 366 -33.18 2.88 11.17
N ALA A 367 -32.23 1.96 11.25
CA ALA A 367 -31.31 1.73 10.14
C ALA A 367 -32.05 1.22 8.92
N GLU A 368 -32.79 0.13 9.07
CA GLU A 368 -33.56 -0.39 7.96
C GLU A 368 -34.72 0.56 7.69
N ASN A 369 -34.51 1.49 6.78
CA ASN A 369 -35.48 2.53 6.45
C ASN A 369 -35.20 3.06 5.06
N PRO A 370 -35.74 2.44 4.01
CA PRO A 370 -35.42 2.87 2.65
C PRO A 370 -35.97 4.24 2.28
N LYS A 371 -36.69 4.92 3.18
CA LYS A 371 -37.14 6.28 2.88
C LYS A 371 -35.97 7.20 2.60
N TYR A 372 -34.89 7.06 3.35
CA TYR A 372 -33.66 7.81 3.12
C TYR A 372 -32.50 6.85 3.32
N GLU A 373 -32.08 6.20 2.24
CA GLU A 373 -30.93 5.30 2.30
C GLU A 373 -29.62 6.07 2.12
N ASN A 374 -29.38 6.55 0.92
CA ASN A 374 -28.18 7.32 0.61
C ASN A 374 -28.30 7.81 -0.82
N GLU A 375 -27.53 8.84 -1.16
CA GLU A 375 -27.57 9.39 -2.51
C GLU A 375 -26.56 8.69 -3.41
N LYS A 376 -25.30 8.67 -3.00
CA LYS A 376 -24.22 8.21 -3.88
C LYS A 376 -24.44 6.77 -4.31
N LEU A 377 -25.04 5.96 -3.44
CA LEU A 377 -25.36 4.61 -3.84
C LEU A 377 -26.37 4.62 -4.98
N ILE A 378 -27.40 5.47 -4.89
CA ILE A 378 -28.39 5.53 -5.95
C ILE A 378 -27.76 6.06 -7.23
N LYS A 379 -26.88 7.04 -7.08
CA LYS A 379 -26.25 7.63 -8.25
C LYS A 379 -25.44 6.59 -8.99
N LEU A 380 -24.67 5.78 -8.27
CA LEU A 380 -23.92 4.75 -8.97
C LEU A 380 -24.85 3.64 -9.44
N ARG A 381 -26.00 3.45 -8.81
CA ARG A 381 -26.99 2.52 -9.34
C ARG A 381 -27.36 2.94 -10.76
N ASN A 382 -27.73 4.20 -10.93
CA ASN A 382 -28.07 4.70 -12.25
C ASN A 382 -26.90 4.57 -13.21
N THR A 383 -25.71 4.95 -12.74
CA THR A 383 -24.52 4.90 -13.57
C THR A 383 -24.26 3.48 -14.06
N ILE A 384 -24.39 2.53 -13.17
CA ILE A 384 -24.00 1.16 -13.47
C ILE A 384 -25.05 0.52 -14.38
N LEU A 385 -26.32 0.69 -14.04
CA LEU A 385 -27.38 0.11 -14.84
C LEU A 385 -27.36 0.64 -16.26
N GLU A 386 -27.04 1.92 -16.43
CA GLU A 386 -26.92 2.47 -17.78
C GLU A 386 -25.98 1.64 -18.63
N GLN A 387 -24.78 1.38 -18.11
CA GLN A 387 -23.79 0.66 -18.90
C GLN A 387 -24.23 -0.77 -19.13
N PHE A 388 -24.64 -1.46 -18.08
CA PHE A 388 -24.91 -2.87 -18.27
C PHE A 388 -26.19 -3.12 -19.05
N THR A 389 -27.03 -2.10 -19.23
CA THR A 389 -28.09 -2.19 -20.20
C THR A 389 -27.59 -1.88 -21.60
N ARG A 390 -26.57 -1.03 -21.71
CA ARG A 390 -26.06 -0.66 -23.03
C ARG A 390 -25.22 -1.76 -23.67
N SER A 391 -24.33 -2.38 -22.89
CA SER A 391 -23.23 -3.17 -23.47
C SER A 391 -23.56 -4.65 -23.67
N GLU A 392 -24.34 -5.27 -22.79
CA GLU A 392 -24.98 -6.56 -23.08
C GLU A 392 -23.95 -7.66 -23.35
N GLU A 393 -23.37 -8.15 -22.25
CA GLU A 393 -22.55 -9.35 -22.12
C GLU A 393 -21.07 -9.12 -22.48
N SER A 394 -20.73 -7.95 -23.01
CA SER A 394 -19.34 -7.50 -23.08
C SER A 394 -19.04 -6.52 -21.98
N SER A 395 -19.69 -6.69 -20.82
CA SER A 395 -19.79 -5.64 -19.83
C SER A 395 -18.85 -5.93 -18.67
N ARG A 396 -17.60 -5.52 -18.85
CA ARG A 396 -16.66 -5.52 -17.75
C ARG A 396 -16.80 -4.24 -16.94
N GLY A 397 -16.35 -4.30 -15.68
CA GLY A 397 -16.60 -3.20 -14.77
C GLY A 397 -15.60 -3.12 -13.64
N ILE A 398 -15.38 -1.90 -13.17
CA ILE A 398 -14.45 -1.65 -12.08
C ILE A 398 -15.01 -0.53 -11.22
N ILE A 399 -14.73 -0.64 -9.94
CA ILE A 399 -15.09 0.34 -8.94
C ILE A 399 -13.86 0.54 -8.10
N PHE A 400 -13.60 1.78 -7.75
CA PHE A 400 -12.56 2.12 -6.82
C PHE A 400 -13.17 2.78 -5.61
N THR A 401 -12.62 2.45 -4.45
CA THR A 401 -13.04 3.05 -3.21
C THR A 401 -11.80 3.25 -2.36
N LYS A 402 -11.99 3.68 -1.12
CA LYS A 402 -10.89 3.99 -0.23
C LYS A 402 -10.55 2.82 0.68
N THR A 403 -11.54 2.30 1.38
CA THR A 403 -11.34 1.34 2.44
C THR A 403 -11.65 -0.07 1.97
N ARG A 404 -11.29 -1.02 2.81
CA ARG A 404 -11.60 -2.41 2.52
C ARG A 404 -13.02 -2.75 2.90
N GLN A 405 -13.44 -2.34 4.11
CA GLN A 405 -14.79 -2.64 4.58
C GLN A 405 -15.85 -2.16 3.61
N SER A 406 -15.59 -1.02 2.96
CA SER A 406 -16.49 -0.53 1.94
C SER A 406 -16.63 -1.54 0.81
N THR A 407 -15.54 -2.20 0.45
CA THR A 407 -15.59 -3.15 -0.64
C THR A 407 -16.45 -4.34 -0.28
N TYR A 408 -16.27 -4.87 0.93
CA TYR A 408 -17.11 -5.97 1.39
C TYR A 408 -18.58 -5.56 1.39
N ALA A 409 -18.85 -4.34 1.86
CA ALA A 409 -20.24 -3.90 1.94
C ALA A 409 -20.86 -3.79 0.55
N LEU A 410 -20.15 -3.17 -0.38
CA LEU A 410 -20.69 -2.99 -1.71
C LEU A 410 -20.87 -4.32 -2.42
N SER A 411 -19.90 -5.23 -2.28
CA SER A 411 -20.04 -6.54 -2.89
C SER A 411 -21.25 -7.26 -2.32
N GLN A 412 -21.41 -7.19 -1.01
CA GLN A 412 -22.57 -7.77 -0.35
C GLN A 412 -23.86 -7.23 -0.96
N TRP A 413 -23.97 -5.91 -1.02
CA TRP A 413 -25.16 -5.24 -1.53
C TRP A 413 -25.50 -5.69 -2.95
N ILE A 414 -24.51 -5.61 -3.84
CA ILE A 414 -24.73 -5.99 -5.22
C ILE A 414 -25.13 -7.46 -5.31
N MET A 415 -24.66 -8.28 -4.35
CA MET A 415 -25.16 -9.65 -4.27
C MET A 415 -26.61 -9.68 -3.80
N GLU A 416 -26.99 -8.75 -2.93
CA GLU A 416 -28.32 -8.79 -2.32
C GLU A 416 -29.38 -8.23 -3.27
N ASN A 417 -29.24 -6.98 -3.69
CA ASN A 417 -30.25 -6.34 -4.53
C ASN A 417 -30.43 -7.06 -5.85
N ALA A 418 -31.70 -7.33 -6.18
CA ALA A 418 -32.02 -8.21 -7.28
C ALA A 418 -31.60 -7.64 -8.61
N LYS A 419 -31.74 -6.31 -8.76
CA LYS A 419 -31.60 -5.68 -10.07
C LYS A 419 -30.24 -5.96 -10.66
N PHE A 420 -29.20 -5.84 -9.85
CA PHE A 420 -27.84 -6.01 -10.34
C PHE A 420 -27.61 -7.45 -10.81
N ALA A 421 -28.13 -8.43 -10.07
CA ALA A 421 -28.03 -9.79 -10.55
C ALA A 421 -28.83 -9.98 -11.84
N GLU A 422 -29.94 -9.26 -11.97
CA GLU A 422 -30.81 -9.41 -13.13
C GLU A 422 -30.07 -9.07 -14.42
N VAL A 423 -29.31 -7.98 -14.40
CA VAL A 423 -28.63 -7.49 -15.60
C VAL A 423 -27.33 -8.23 -15.87
N GLY A 424 -27.07 -9.31 -15.13
CA GLY A 424 -25.85 -10.06 -15.30
C GLY A 424 -24.69 -9.50 -14.52
N VAL A 425 -24.95 -8.69 -13.50
CA VAL A 425 -23.88 -7.97 -12.84
C VAL A 425 -23.28 -8.88 -11.76
N LYS A 426 -22.37 -9.75 -12.22
CA LYS A 426 -21.62 -10.64 -11.34
C LYS A 426 -20.37 -9.95 -10.84
N ALA A 427 -20.23 -9.88 -9.53
CA ALA A 427 -19.26 -8.98 -8.94
C ALA A 427 -18.43 -9.67 -7.89
N HIS A 428 -17.21 -9.18 -7.74
CA HIS A 428 -16.33 -9.66 -6.70
C HIS A 428 -15.50 -8.53 -6.16
N HIS A 429 -15.09 -8.66 -4.90
CA HIS A 429 -14.28 -7.66 -4.26
C HIS A 429 -12.80 -7.93 -4.49
N LEU A 430 -11.97 -7.03 -3.99
CA LEU A 430 -10.53 -7.15 -4.10
C LEU A 430 -9.86 -6.12 -3.21
N ILE A 431 -8.92 -6.57 -2.39
CA ILE A 431 -8.14 -5.72 -1.51
C ILE A 431 -6.72 -6.27 -1.46
N GLY A 432 -5.88 -5.64 -0.66
CA GLY A 432 -4.47 -5.97 -0.62
C GLY A 432 -4.08 -6.87 0.53
N ALA A 433 -2.86 -7.37 0.44
CA ALA A 433 -2.38 -8.42 1.31
C ALA A 433 -1.66 -7.91 2.54
N GLY A 434 -1.60 -6.61 2.75
CA GLY A 434 -0.92 -6.09 3.93
C GLY A 434 -1.59 -6.55 5.20
N HIS A 435 -0.78 -6.93 6.18
CA HIS A 435 -1.28 -7.49 7.44
C HIS A 435 -1.27 -6.35 8.45
N SER A 436 -2.36 -5.60 8.45
CA SER A 436 -2.55 -4.50 9.38
C SER A 436 -3.99 -4.03 9.26
N SER A 437 -4.31 -2.97 9.99
CA SER A 437 -5.48 -2.15 9.72
C SER A 437 -6.81 -2.84 10.04
N GLU A 438 -6.82 -3.77 10.98
CA GLU A 438 -8.06 -4.27 11.58
C GLU A 438 -8.99 -4.89 10.54
N VAL A 439 -8.41 -5.53 9.54
CA VAL A 439 -9.17 -6.33 8.58
C VAL A 439 -8.35 -7.57 8.26
N LYS A 440 -9.05 -8.65 7.90
CA LYS A 440 -8.40 -9.85 7.43
C LYS A 440 -8.02 -9.62 5.97
N PRO A 441 -6.75 -9.44 5.64
CA PRO A 441 -6.40 -9.19 4.24
C PRO A 441 -6.63 -10.42 3.37
N MET A 442 -6.44 -10.21 2.07
CA MET A 442 -6.49 -11.28 1.10
C MET A 442 -5.09 -11.85 0.90
N THR A 443 -5.03 -12.92 0.14
CA THR A 443 -3.81 -13.59 -0.22
C THR A 443 -3.60 -13.47 -1.73
N GLN A 444 -2.33 -13.52 -2.14
CA GLN A 444 -1.97 -13.35 -3.53
C GLN A 444 -2.70 -14.33 -4.43
N THR A 445 -2.93 -15.54 -3.94
CA THR A 445 -3.59 -16.54 -4.76
C THR A 445 -5.01 -16.13 -5.07
N GLU A 446 -5.73 -15.65 -4.06
CA GLU A 446 -7.07 -15.15 -4.30
C GLU A 446 -7.06 -14.03 -5.32
N GLN A 447 -6.05 -13.16 -5.25
CA GLN A 447 -5.95 -12.08 -6.22
C GLN A 447 -5.81 -12.63 -7.63
N LYS A 448 -4.80 -13.47 -7.86
CA LYS A 448 -4.55 -14.01 -9.20
C LYS A 448 -5.77 -14.73 -9.73
N GLU A 449 -6.42 -15.50 -8.86
CA GLU A 449 -7.60 -16.21 -9.29
C GLU A 449 -8.70 -15.26 -9.71
N VAL A 450 -8.92 -14.19 -8.94
CA VAL A 450 -9.93 -13.20 -9.33
C VAL A 450 -9.57 -12.58 -10.67
N ILE A 451 -8.29 -12.32 -10.90
CA ILE A 451 -7.88 -11.76 -12.19
C ILE A 451 -8.25 -12.71 -13.31
N SER A 452 -7.97 -14.00 -13.13
CA SER A 452 -8.28 -14.95 -14.17
C SER A 452 -9.78 -15.16 -14.29
N LYS A 453 -10.52 -14.91 -13.23
CA LYS A 453 -11.97 -15.00 -13.33
C LYS A 453 -12.52 -13.81 -14.10
N PHE A 454 -11.94 -12.64 -13.87
CA PHE A 454 -12.34 -11.45 -14.62
C PHE A 454 -12.04 -11.65 -16.09
N ARG A 455 -10.84 -12.12 -16.40
CA ARG A 455 -10.47 -12.41 -17.79
C ARG A 455 -11.35 -13.50 -18.38
N THR A 456 -11.65 -14.53 -17.60
CA THR A 456 -12.54 -15.59 -18.03
C THR A 456 -13.94 -15.05 -18.28
N GLY A 457 -14.39 -14.11 -17.44
CA GLY A 457 -15.74 -13.62 -17.53
C GLY A 457 -16.67 -14.11 -16.46
N GLU A 458 -16.15 -14.72 -15.39
CA GLU A 458 -17.02 -15.13 -14.30
C GLU A 458 -17.58 -13.94 -13.56
N ILE A 459 -16.75 -12.94 -13.29
CA ILE A 459 -17.14 -11.74 -12.57
C ILE A 459 -17.08 -10.60 -13.56
N ASN A 460 -18.18 -9.89 -13.70
CA ASN A 460 -18.23 -8.79 -14.65
C ASN A 460 -17.61 -7.53 -14.07
N LEU A 461 -17.79 -7.27 -12.77
CA LEU A 461 -17.20 -6.09 -12.17
C LEU A 461 -16.48 -6.39 -10.86
N LEU A 462 -15.44 -5.60 -10.63
CA LEU A 462 -14.56 -5.74 -9.48
C LEU A 462 -14.67 -4.51 -8.61
N ILE A 463 -14.72 -4.71 -7.30
CA ILE A 463 -14.63 -3.62 -6.34
C ILE A 463 -13.21 -3.62 -5.78
N ALA A 464 -12.53 -2.47 -5.77
CA ALA A 464 -11.12 -2.44 -5.43
C ALA A 464 -10.75 -1.20 -4.62
N THR A 465 -9.67 -1.34 -3.86
CA THR A 465 -8.95 -0.23 -3.26
C THR A 465 -7.92 0.24 -4.27
N THR A 466 -6.92 0.99 -3.83
CA THR A 466 -5.86 1.40 -4.76
C THR A 466 -5.02 0.20 -5.30
N VAL A 467 -5.36 -1.05 -5.00
CA VAL A 467 -4.68 -2.20 -5.58
C VAL A 467 -4.74 -2.16 -7.10
N ALA A 468 -5.88 -1.77 -7.65
CA ALA A 468 -6.09 -1.97 -9.08
C ALA A 468 -5.33 -0.95 -9.92
N GLU A 469 -5.27 0.31 -9.49
CA GLU A 469 -4.50 1.31 -10.25
C GLU A 469 -3.03 1.12 -10.00
N GLU A 470 -2.42 0.10 -10.58
CA GLU A 470 -1.12 -0.16 -11.20
C GLU A 470 -1.05 -1.66 -11.33
N GLY A 471 0.15 -2.19 -11.54
CA GLY A 471 0.79 -3.47 -11.43
C GLY A 471 0.05 -4.53 -12.19
N LEU A 472 -0.69 -5.37 -11.45
CA LEU A 472 -1.39 -6.51 -11.99
C LEU A 472 -2.16 -6.15 -13.25
N ASP A 473 -2.25 -7.10 -14.18
CA ASP A 473 -2.78 -6.85 -15.52
C ASP A 473 -4.23 -7.32 -15.61
N ILE A 474 -5.15 -6.41 -15.32
CA ILE A 474 -6.57 -6.65 -15.50
C ILE A 474 -6.90 -6.47 -16.97
N LYS A 475 -7.92 -7.18 -17.44
CA LYS A 475 -8.44 -7.04 -18.78
C LYS A 475 -9.04 -5.64 -18.98
N GLU A 476 -9.05 -5.17 -20.23
CA GLU A 476 -9.56 -3.84 -20.54
C GLU A 476 -11.04 -3.72 -20.20
N CYS A 477 -11.45 -2.52 -19.82
CA CYS A 477 -12.74 -2.26 -19.19
C CYS A 477 -13.55 -1.18 -19.92
N ASN A 478 -14.71 -0.90 -19.33
CA ASN A 478 -15.68 0.06 -19.85
C ASN A 478 -16.07 1.14 -18.87
N ILE A 479 -16.43 0.78 -17.63
CA ILE A 479 -17.14 1.67 -16.71
C ILE A 479 -16.33 1.87 -15.44
N VAL A 480 -15.04 2.10 -15.58
CA VAL A 480 -14.28 2.52 -14.42
C VAL A 480 -14.93 3.72 -13.79
N ILE A 481 -15.09 3.68 -12.47
CA ILE A 481 -15.67 4.78 -11.72
C ILE A 481 -14.75 5.07 -10.54
N ARG A 482 -15.20 5.96 -9.66
CA ARG A 482 -14.34 6.43 -8.57
C ARG A 482 -15.26 6.95 -7.47
N TYR A 483 -15.31 6.22 -6.36
CA TYR A 483 -16.31 6.42 -5.31
C TYR A 483 -15.60 6.82 -4.03
N GLY A 484 -15.35 8.12 -3.89
CA GLY A 484 -14.78 8.64 -2.67
C GLY A 484 -13.28 8.51 -2.57
N LEU A 485 -12.56 8.62 -3.68
CA LEU A 485 -11.11 8.50 -3.69
C LEU A 485 -10.53 9.42 -4.74
N VAL A 486 -9.62 10.29 -4.33
CA VAL A 486 -8.77 11.03 -5.25
C VAL A 486 -7.39 11.11 -4.62
N THR A 487 -6.49 10.25 -5.05
CA THR A 487 -5.16 10.21 -4.45
C THR A 487 -4.25 11.26 -5.09
N ASN A 488 -3.93 11.08 -6.36
CA ASN A 488 -3.03 12.00 -7.04
C ASN A 488 -3.16 11.79 -8.54
N GLU A 489 -2.35 12.54 -9.30
CA GLU A 489 -2.45 12.50 -10.75
C GLU A 489 -2.09 11.14 -11.31
N ILE A 490 -1.22 10.40 -10.62
CA ILE A 490 -0.73 9.15 -11.17
C ILE A 490 -1.85 8.13 -11.19
N ALA A 491 -2.50 7.94 -10.05
CA ALA A 491 -3.61 7.01 -10.01
C ALA A 491 -4.71 7.44 -10.97
N MET A 492 -4.90 8.75 -11.09
CA MET A 492 -5.88 9.29 -12.03
C MET A 492 -5.59 8.82 -13.45
N VAL A 493 -4.36 9.01 -13.91
CA VAL A 493 -4.06 8.63 -15.28
C VAL A 493 -4.07 7.11 -15.43
N GLN A 494 -3.59 6.38 -14.42
CA GLN A 494 -3.49 4.93 -14.59
C GLN A 494 -4.86 4.31 -14.66
N ALA A 495 -5.81 4.81 -13.88
CA ALA A 495 -7.18 4.36 -14.03
C ALA A 495 -7.76 4.82 -15.36
N ARG A 496 -7.46 6.06 -15.74
CA ARG A 496 -7.94 6.61 -16.99
C ARG A 496 -7.42 5.84 -18.20
N GLY A 497 -6.38 5.04 -18.03
CA GLY A 497 -5.82 4.22 -19.07
C GLY A 497 -6.30 2.80 -19.06
N ARG A 498 -7.24 2.45 -18.20
CA ARG A 498 -7.82 1.11 -18.24
C ARG A 498 -8.83 0.99 -19.37
N ALA A 499 -9.65 2.02 -19.55
CA ALA A 499 -10.91 1.91 -20.28
C ALA A 499 -10.71 2.10 -21.77
N ARG A 500 -10.46 1.00 -22.44
CA ARG A 500 -10.53 0.83 -23.88
C ARG A 500 -11.94 0.36 -24.18
N ALA A 501 -12.13 -0.30 -25.33
CA ALA A 501 -13.40 -0.95 -25.61
C ALA A 501 -14.49 0.11 -25.70
N ASP A 502 -14.51 0.82 -26.84
CA ASP A 502 -15.19 2.08 -27.08
C ASP A 502 -16.55 2.19 -26.42
N GLU A 503 -16.95 3.43 -26.12
CA GLU A 503 -18.02 3.75 -25.18
C GLU A 503 -17.57 3.46 -23.76
N SER A 504 -16.32 3.82 -23.47
CA SER A 504 -15.76 3.79 -22.13
C SER A 504 -15.91 5.14 -21.46
N THR A 505 -15.74 5.15 -20.14
CA THR A 505 -15.91 6.35 -19.34
C THR A 505 -14.86 6.41 -18.25
N TYR A 506 -14.91 7.49 -17.47
CA TYR A 506 -14.17 7.62 -16.22
C TYR A 506 -15.00 8.55 -15.34
N VAL A 507 -15.67 7.97 -14.38
CA VAL A 507 -16.64 8.64 -13.56
C VAL A 507 -16.00 9.04 -12.25
N LEU A 508 -16.60 10.04 -11.59
CA LEU A 508 -16.28 10.33 -10.21
C LEU A 508 -17.56 10.63 -9.47
N VAL A 509 -17.75 9.94 -8.33
CA VAL A 509 -18.94 10.03 -7.51
C VAL A 509 -18.52 10.54 -6.15
N THR A 510 -19.08 11.66 -5.72
CA THR A 510 -18.71 12.30 -4.47
C THR A 510 -19.96 12.91 -3.85
N SER A 511 -19.77 13.47 -2.66
CA SER A 511 -20.78 14.26 -1.98
C SER A 511 -20.51 15.74 -2.25
N SER A 512 -21.43 16.58 -1.81
CA SER A 512 -21.36 18.00 -2.12
C SER A 512 -20.38 18.73 -1.23
N GLY A 513 -20.50 18.54 0.08
CA GLY A 513 -19.76 19.35 1.03
C GLY A 513 -18.46 18.75 1.51
N SER A 514 -17.77 18.03 0.63
CA SER A 514 -16.45 17.49 0.92
C SER A 514 -15.61 17.72 -0.33
N GLY A 515 -14.61 18.59 -0.22
CA GLY A 515 -13.83 18.95 -1.38
C GLY A 515 -13.13 17.76 -1.97
N VAL A 516 -13.71 17.25 -3.05
CA VAL A 516 -13.13 16.18 -3.85
C VAL A 516 -12.99 16.60 -5.30
N THR A 517 -14.07 17.15 -5.87
CA THR A 517 -14.02 17.68 -7.21
C THR A 517 -12.93 18.72 -7.34
N GLU A 518 -12.75 19.52 -6.28
CA GLU A 518 -11.55 20.31 -6.09
C GLU A 518 -10.29 19.51 -6.42
N ARG A 519 -10.10 18.40 -5.71
CA ARG A 519 -8.86 17.64 -5.86
C ARG A 519 -8.77 16.98 -7.23
N GLU A 520 -9.91 16.55 -7.76
CA GLU A 520 -9.95 16.00 -9.11
C GLU A 520 -9.44 17.02 -10.12
N ILE A 521 -9.90 18.26 -9.98
CA ILE A 521 -9.50 19.30 -10.90
C ILE A 521 -8.02 19.61 -10.73
N VAL A 522 -7.56 19.67 -9.49
CA VAL A 522 -6.15 19.92 -9.25
C VAL A 522 -5.32 18.88 -9.97
N ASN A 523 -5.69 17.61 -9.86
CA ASN A 523 -4.91 16.58 -10.52
C ASN A 523 -5.00 16.69 -12.03
N ASP A 524 -6.14 17.15 -12.54
CA ASP A 524 -6.24 17.38 -13.99
C ASP A 524 -5.26 18.45 -14.42
N PHE A 525 -5.17 19.52 -13.65
CA PHE A 525 -4.24 20.59 -13.99
C PHE A 525 -2.81 20.13 -13.86
N ARG A 526 -2.54 19.28 -12.88
CA ARG A 526 -1.20 18.72 -12.73
C ARG A 526 -0.84 17.87 -13.95
N GLU A 527 -1.81 17.10 -14.44
CA GLU A 527 -1.61 16.31 -15.65
C GLU A 527 -1.29 17.21 -16.82
N LYS A 528 -2.05 18.29 -16.97
CA LYS A 528 -1.78 19.21 -18.07
C LYS A 528 -0.48 19.98 -17.88
N MET A 529 0.02 20.03 -16.66
CA MET A 529 1.23 20.79 -16.38
C MET A 529 2.48 19.98 -16.69
N MET A 530 2.48 18.72 -16.31
CA MET A 530 3.71 17.95 -16.46
C MET A 530 4.10 17.82 -17.92
N TYR A 531 3.13 17.80 -18.83
CA TYR A 531 3.46 17.74 -20.23
C TYR A 531 4.13 19.03 -20.70
N LYS A 532 3.67 20.18 -20.20
CA LYS A 532 4.35 21.42 -20.51
C LYS A 532 5.78 21.38 -20.01
N ALA A 533 5.99 20.80 -18.84
CA ALA A 533 7.34 20.74 -18.31
C ALA A 533 8.22 19.80 -19.12
N ILE A 534 7.64 18.69 -19.56
CA ILE A 534 8.38 17.77 -20.42
C ILE A 534 8.84 18.50 -21.67
N ASN A 535 7.96 19.31 -22.25
CA ASN A 535 8.35 20.05 -23.44
C ASN A 535 9.44 21.05 -23.11
N ARG A 536 9.37 21.66 -21.92
CA ARG A 536 10.39 22.61 -21.51
C ARG A 536 11.75 21.93 -21.41
N VAL A 537 11.79 20.67 -21.03
CA VAL A 537 13.08 20.02 -20.75
C VAL A 537 13.62 19.28 -21.97
N GLN A 538 12.75 18.65 -22.77
CA GLN A 538 13.23 18.02 -24.00
C GLN A 538 13.90 19.04 -24.89
N ASN A 539 13.38 20.26 -24.91
CA ASN A 539 13.94 21.33 -25.71
C ASN A 539 15.03 22.10 -24.97
N MET A 540 15.31 21.75 -23.72
CA MET A 540 16.46 22.31 -23.04
C MET A 540 17.74 22.04 -23.83
N LYS A 541 18.68 22.94 -23.69
CA LYS A 541 19.96 22.80 -24.35
C LYS A 541 20.75 21.67 -23.70
N PRO A 542 21.52 20.89 -24.47
CA PRO A 542 22.24 19.77 -23.85
C PRO A 542 23.26 20.17 -22.80
N GLU A 543 24.00 21.26 -23.01
CA GLU A 543 25.00 21.63 -22.03
C GLU A 543 24.35 22.06 -20.72
N GLU A 544 23.29 22.83 -20.82
CA GLU A 544 22.59 23.29 -19.63
C GLU A 544 21.92 22.13 -18.91
N TYR A 545 21.33 21.22 -19.69
CA TYR A 545 20.77 19.99 -19.14
C TYR A 545 21.82 19.20 -18.38
N ALA A 546 23.00 19.04 -18.98
CA ALA A 546 24.08 18.31 -18.32
C ALA A 546 24.48 19.00 -17.03
N HIS A 547 24.67 20.31 -17.08
CA HIS A 547 25.03 21.09 -15.90
C HIS A 547 24.04 20.85 -14.78
N LYS A 548 22.75 20.91 -15.10
CA LYS A 548 21.73 20.81 -14.08
C LYS A 548 21.67 19.39 -13.51
N ILE A 549 21.76 18.37 -14.36
CA ILE A 549 21.67 17.03 -13.82
C ILE A 549 22.89 16.73 -12.97
N LEU A 550 24.05 17.28 -13.33
CA LEU A 550 25.22 17.05 -12.49
C LEU A 550 25.03 17.69 -11.14
N GLU A 551 24.52 18.92 -11.13
CA GLU A 551 24.21 19.57 -9.85
C GLU A 551 23.26 18.72 -9.04
N LEU A 552 22.23 18.16 -9.68
CA LEU A 552 21.24 17.42 -8.93
C LEU A 552 21.78 16.08 -8.44
N GLN A 553 22.61 15.42 -9.23
CA GLN A 553 23.20 14.17 -8.78
C GLN A 553 24.09 14.42 -7.57
N VAL A 554 24.86 15.49 -7.61
CA VAL A 554 25.69 15.84 -6.46
C VAL A 554 24.82 16.12 -5.25
N GLN A 555 23.76 16.88 -5.44
CA GLN A 555 22.90 17.21 -4.30
C GLN A 555 22.22 15.98 -3.74
N SER A 556 21.90 15.02 -4.60
CA SER A 556 21.22 13.81 -4.14
C SER A 556 22.19 12.92 -3.38
N ILE A 557 23.45 12.86 -3.83
CA ILE A 557 24.41 12.04 -3.12
C ILE A 557 24.81 12.68 -1.81
N LEU A 558 24.81 14.02 -1.75
CA LEU A 558 25.07 14.71 -0.50
C LEU A 558 23.89 14.63 0.44
N GLU A 559 22.67 14.57 -0.11
CA GLU A 559 21.49 14.34 0.72
C GLU A 559 21.41 12.92 1.23
N LYS A 560 22.29 12.02 0.79
CA LYS A 560 22.35 10.67 1.33
C LYS A 560 23.24 10.60 2.56
N LYS A 561 24.47 11.10 2.44
CA LYS A 561 25.57 11.18 3.40
C LYS A 561 25.11 11.81 4.70
N MET A 562 24.42 12.95 4.61
CA MET A 562 23.94 13.63 5.80
C MET A 562 22.99 12.74 6.59
N LYS A 563 21.98 12.19 5.92
CA LYS A 563 20.93 11.28 6.37
C LYS A 563 21.52 10.05 7.04
N VAL A 564 22.66 9.58 6.55
CA VAL A 564 23.58 8.54 7.01
C VAL A 564 24.28 8.98 8.30
N LYS A 565 24.58 10.28 8.41
CA LYS A 565 25.34 10.78 9.56
C LYS A 565 24.46 11.01 10.77
N ARG A 566 23.17 11.25 10.58
CA ARG A 566 22.26 11.51 11.69
C ARG A 566 21.42 10.31 12.06
N SER A 567 21.54 9.20 11.34
CA SER A 567 20.67 8.05 11.56
C SER A 567 21.48 6.76 11.55
N ILE A 568 22.64 6.78 12.19
CA ILE A 568 23.39 5.53 12.36
C ILE A 568 22.59 4.57 13.23
N ALA A 569 22.36 4.95 14.49
CA ALA A 569 21.47 4.20 15.36
C ALA A 569 20.25 5.02 15.76
N LYS A 570 20.45 6.17 16.39
CA LYS A 570 19.40 7.07 16.88
C LYS A 570 18.64 6.48 18.07
N GLN A 571 18.90 5.20 18.39
CA GLN A 571 18.37 4.57 19.58
C GLN A 571 19.27 3.37 19.86
N TYR A 572 20.22 3.53 20.78
CA TYR A 572 21.23 2.52 20.99
C TYR A 572 21.42 2.10 22.44
N ASN A 573 20.96 2.90 23.42
CA ASN A 573 21.14 2.56 24.81
C ASN A 573 20.46 1.24 25.13
N ASP A 574 21.26 0.21 25.39
CA ASP A 574 20.75 -1.14 25.63
C ASP A 574 20.61 -1.34 27.13
N ASN A 575 19.37 -1.36 27.60
CA ASN A 575 19.07 -1.42 29.03
C ASN A 575 18.18 -2.63 29.29
N PRO A 576 18.73 -3.72 29.82
CA PRO A 576 18.03 -5.01 29.79
C PRO A 576 16.70 -5.06 30.53
N SER A 577 16.72 -4.75 31.83
CA SER A 577 15.50 -4.74 32.64
C SER A 577 15.53 -3.48 33.49
N LEU A 578 15.11 -2.38 32.88
CA LEU A 578 14.98 -1.09 33.54
C LEU A 578 13.55 -0.58 33.47
N ILE A 579 12.61 -1.48 33.15
CA ILE A 579 11.26 -1.15 32.75
C ILE A 579 10.29 -2.07 33.47
N THR A 580 9.01 -1.76 33.32
CA THR A 580 7.97 -2.73 33.63
C THR A 580 6.85 -2.53 32.62
N LEU A 581 6.34 -3.63 32.08
CA LEU A 581 5.26 -3.61 31.13
C LEU A 581 3.95 -3.87 31.85
N LEU A 582 3.06 -2.88 31.79
CA LEU A 582 1.73 -2.95 32.36
C LEU A 582 0.69 -3.07 31.26
N CYS A 583 -0.49 -3.54 31.65
CA CYS A 583 -1.62 -3.53 30.75
C CYS A 583 -2.16 -2.11 30.66
N LYS A 584 -2.65 -1.79 29.47
CA LYS A 584 -3.02 -0.43 29.14
C LYS A 584 -4.45 -0.13 29.55
N ASN A 585 -5.35 -1.10 29.42
CA ASN A 585 -6.71 -0.93 29.91
C ASN A 585 -6.73 -0.84 31.42
N CYS A 586 -6.33 -1.92 32.09
CA CYS A 586 -6.22 -1.96 33.54
C CYS A 586 -4.78 -1.66 33.91
N SER A 587 -4.58 -0.65 34.75
CA SER A 587 -3.23 -0.26 35.16
C SER A 587 -2.71 -1.33 36.10
N MET A 588 -2.21 -2.41 35.50
CA MET A 588 -1.86 -3.63 36.19
C MET A 588 -0.51 -4.11 35.69
N LEU A 589 0.27 -4.71 36.57
CA LEU A 589 1.53 -5.30 36.15
C LEU A 589 1.27 -6.52 35.28
N VAL A 590 2.15 -6.72 34.31
CA VAL A 590 2.13 -7.89 33.45
C VAL A 590 3.49 -8.54 33.45
N CYS A 591 4.53 -7.77 33.12
CA CYS A 591 5.87 -8.33 33.02
C CYS A 591 6.93 -7.31 33.40
N SER A 592 8.14 -7.83 33.58
CA SER A 592 9.37 -7.06 33.60
C SER A 592 10.18 -7.41 32.37
N GLY A 593 11.22 -6.62 32.13
CA GLY A 593 12.00 -6.78 30.93
C GLY A 593 12.93 -7.98 30.95
N GLU A 594 13.23 -8.50 32.12
CA GLU A 594 14.15 -9.63 32.20
C GLU A 594 13.48 -10.92 31.73
N ASN A 595 12.21 -11.09 32.04
CA ASN A 595 11.51 -12.31 31.68
C ASN A 595 11.43 -12.51 30.18
N ILE A 596 11.48 -11.43 29.42
CA ILE A 596 11.25 -11.48 27.98
C ILE A 596 12.51 -11.96 27.28
N HIS A 597 12.31 -12.63 26.15
CA HIS A 597 13.38 -13.08 25.29
C HIS A 597 12.90 -12.93 23.86
N VAL A 598 13.80 -13.22 22.93
CA VAL A 598 13.55 -13.10 21.51
C VAL A 598 13.94 -14.40 20.84
N ILE A 599 13.19 -14.73 19.79
CA ILE A 599 13.53 -15.85 18.92
C ILE A 599 13.76 -15.31 17.51
N GLU A 600 14.76 -15.91 16.86
CA GLU A 600 15.32 -15.51 15.58
C GLU A 600 15.55 -14.01 15.50
N LYS A 601 15.95 -13.41 16.62
CA LYS A 601 16.22 -11.97 16.78
C LYS A 601 15.08 -11.09 16.25
N MET A 602 13.87 -11.63 16.10
CA MET A 602 12.74 -10.88 15.60
C MET A 602 11.55 -10.90 16.53
N HIS A 603 11.07 -12.09 16.91
CA HIS A 603 9.83 -12.20 17.66
C HIS A 603 10.08 -12.15 19.15
N HIS A 604 9.29 -11.35 19.85
CA HIS A 604 9.40 -11.21 21.29
C HIS A 604 8.43 -12.16 21.97
N VAL A 605 8.83 -12.70 23.12
CA VAL A 605 8.05 -13.73 23.79
C VAL A 605 8.49 -13.84 25.24
N ASN A 606 7.62 -14.40 26.08
CA ASN A 606 7.89 -14.66 27.49
C ASN A 606 7.51 -16.10 27.83
N MET A 607 8.33 -16.74 28.65
CA MET A 607 8.15 -18.14 29.03
C MET A 607 8.35 -18.34 30.54
N THR A 608 7.74 -17.47 31.35
CA THR A 608 7.65 -17.69 32.79
C THR A 608 6.22 -18.06 33.18
N PRO A 609 5.99 -19.03 34.07
CA PRO A 609 4.61 -19.42 34.38
C PRO A 609 3.79 -18.33 35.04
N GLU A 610 4.42 -17.31 35.60
CA GLU A 610 3.63 -16.20 36.14
C GLU A 610 2.82 -15.56 35.03
N PHE A 611 3.49 -15.15 33.95
CA PHE A 611 2.80 -14.63 32.79
C PHE A 611 1.89 -15.66 32.16
N LYS A 612 2.20 -16.95 32.33
CA LYS A 612 1.37 -17.98 31.75
C LYS A 612 -0.04 -17.93 32.32
N GLY A 613 -0.15 -17.82 33.64
CA GLY A 613 -1.43 -17.94 34.29
C GLY A 613 -2.31 -16.72 34.21
N LEU A 614 -1.76 -15.58 33.81
CA LEU A 614 -2.52 -14.35 33.87
C LEU A 614 -3.58 -14.25 32.77
N TYR A 615 -3.36 -14.90 31.63
CA TYR A 615 -4.13 -14.60 30.44
C TYR A 615 -5.15 -15.69 30.11
N ILE A 616 -5.94 -15.38 29.07
CA ILE A 616 -6.92 -16.29 28.52
C ILE A 616 -6.77 -16.26 27.01
N VAL A 617 -7.14 -17.36 26.37
CA VAL A 617 -7.06 -17.55 24.92
C VAL A 617 -8.50 -17.55 24.42
N ARG A 618 -8.79 -16.74 23.41
CA ARG A 618 -10.09 -16.69 22.75
C ARG A 618 -9.94 -17.18 21.31
N GLU A 619 -10.72 -18.20 20.94
CA GLU A 619 -10.50 -18.92 19.69
C GLU A 619 -10.77 -18.06 18.45
N ASN A 620 -10.10 -18.42 17.36
CA ASN A 620 -9.90 -17.53 16.22
C ASN A 620 -11.14 -17.46 15.34
N LYS A 621 -11.46 -16.23 14.88
CA LYS A 621 -12.43 -16.03 13.81
C LYS A 621 -11.75 -16.02 12.44
N ALA A 622 -10.50 -15.58 12.38
CA ALA A 622 -9.75 -15.66 11.12
C ALA A 622 -9.63 -17.08 10.63
N LEU A 623 -9.43 -18.03 11.55
CA LEU A 623 -9.21 -19.43 11.17
C LEU A 623 -10.51 -20.13 10.82
N GLN A 624 -11.63 -19.64 11.36
CA GLN A 624 -12.92 -20.28 11.11
C GLN A 624 -13.43 -19.99 9.69
N LYS A 625 -13.00 -18.87 9.10
CA LYS A 625 -13.36 -18.53 7.73
C LYS A 625 -12.85 -19.60 6.80
N TYR A 630 -10.10 -25.62 13.43
CA TYR A 630 -9.02 -25.95 14.35
C TYR A 630 -8.07 -24.77 14.51
N GLN A 631 -8.17 -24.06 15.64
CA GLN A 631 -7.33 -22.88 15.84
C GLN A 631 -5.87 -23.27 16.00
N THR A 632 -5.00 -22.48 15.39
CA THR A 632 -3.56 -22.69 15.46
C THR A 632 -2.82 -21.58 16.19
N ASN A 633 -3.23 -20.33 16.02
CA ASN A 633 -2.60 -19.18 16.66
C ASN A 633 -3.67 -18.48 17.48
N GLY A 634 -3.76 -18.85 18.75
CA GLY A 634 -4.73 -18.22 19.63
C GLY A 634 -4.43 -16.75 19.83
N GLU A 635 -5.50 -15.99 20.06
CA GLU A 635 -5.41 -14.59 20.45
C GLU A 635 -5.56 -14.47 21.96
N ILE A 636 -4.60 -13.78 22.57
CA ILE A 636 -4.51 -13.64 24.02
C ILE A 636 -5.45 -12.51 24.43
N ILE A 637 -5.98 -12.63 25.65
CA ILE A 637 -6.69 -11.56 26.31
C ILE A 637 -6.29 -11.54 27.78
N CYS A 638 -6.54 -10.41 28.39
CA CYS A 638 -6.27 -10.11 29.78
C CYS A 638 -7.40 -10.63 30.65
N LYS A 639 -7.28 -10.39 31.95
CA LYS A 639 -8.44 -10.51 32.83
C LYS A 639 -9.43 -9.39 32.55
N CYS A 640 -8.93 -8.22 32.17
CA CYS A 640 -9.80 -7.09 31.91
C CYS A 640 -10.55 -7.26 30.60
N GLY A 641 -9.83 -7.64 29.54
CA GLY A 641 -10.43 -7.85 28.24
C GLY A 641 -9.56 -7.38 27.10
N GLN A 642 -8.57 -6.54 27.39
CA GLN A 642 -7.72 -6.02 26.34
C GLN A 642 -6.91 -7.16 25.73
N ALA A 643 -7.06 -7.35 24.42
CA ALA A 643 -6.21 -8.29 23.73
C ALA A 643 -4.77 -7.81 23.80
N TRP A 644 -3.86 -8.75 23.94
CA TRP A 644 -2.44 -8.48 24.11
C TRP A 644 -1.58 -8.96 22.98
N GLY A 645 -1.83 -10.17 22.49
CA GLY A 645 -0.87 -10.82 21.62
C GLY A 645 -1.40 -11.93 20.77
N THR A 646 -0.59 -12.99 20.65
CA THR A 646 -0.92 -14.13 19.84
C THR A 646 -0.02 -15.28 20.26
N MET A 647 -0.56 -16.50 20.16
CA MET A 647 0.22 -17.67 20.46
C MET A 647 1.26 -17.91 19.37
N MET A 648 2.18 -18.83 19.65
CA MET A 648 3.29 -19.07 18.76
C MET A 648 3.84 -20.46 19.04
N VAL A 649 4.35 -21.09 17.99
CA VAL A 649 4.86 -22.45 18.05
C VAL A 649 6.31 -22.44 17.61
N HIS A 650 7.23 -22.37 18.57
CA HIS A 650 8.65 -22.50 18.33
C HIS A 650 9.13 -23.81 18.92
N LYS A 651 9.67 -24.67 18.07
CA LYS A 651 10.19 -25.98 18.48
C LYS A 651 9.15 -26.77 19.25
N GLY A 652 7.90 -26.67 18.82
CA GLY A 652 6.81 -27.34 19.49
C GLY A 652 6.33 -26.66 20.76
N LEU A 653 7.17 -25.84 21.38
CA LEU A 653 6.74 -25.03 22.50
C LEU A 653 5.66 -24.07 22.05
N ASP A 654 4.50 -24.12 22.69
CA ASP A 654 3.46 -23.13 22.41
C ASP A 654 3.70 -21.86 23.23
N LEU A 655 4.88 -21.29 23.03
CA LEU A 655 5.27 -20.12 23.79
C LEU A 655 4.57 -18.88 23.21
N PRO A 656 3.84 -18.10 24.02
CA PRO A 656 2.96 -17.07 23.48
C PRO A 656 3.66 -15.75 23.20
N CYS A 657 3.57 -15.29 21.96
CA CYS A 657 4.11 -14.01 21.58
C CYS A 657 3.26 -12.89 22.17
N LEU A 658 3.62 -11.66 21.82
CA LEU A 658 2.88 -10.50 22.30
C LEU A 658 3.23 -9.30 21.45
N LYS A 659 2.51 -8.21 21.68
CA LYS A 659 2.73 -6.93 21.04
C LYS A 659 3.24 -5.94 22.07
N ILE A 660 3.54 -4.73 21.59
CA ILE A 660 3.86 -3.59 22.44
C ILE A 660 2.94 -2.44 22.05
N ARG A 661 1.85 -2.75 21.35
CA ARG A 661 0.87 -1.75 20.99
C ARG A 661 -0.24 -1.68 22.01
N ASN A 662 -0.50 -2.78 22.69
CA ASN A 662 -1.50 -2.85 23.73
C ASN A 662 -0.93 -2.63 25.13
N PHE A 663 0.37 -2.75 25.31
CA PHE A 663 1.00 -2.58 26.60
C PHE A 663 1.52 -1.16 26.79
N VAL A 664 1.79 -0.81 28.06
CA VAL A 664 2.39 0.46 28.42
C VAL A 664 3.65 0.19 29.21
N VAL A 665 4.57 1.11 29.10
CA VAL A 665 5.88 1.02 29.74
C VAL A 665 5.87 1.92 30.97
N ASN A 666 6.61 1.50 31.99
CA ASN A 666 6.91 2.32 33.14
C ASN A 666 8.38 2.18 33.46
N PHE A 667 9.13 3.26 33.24
CA PHE A 667 10.51 3.31 33.68
C PHE A 667 10.55 3.41 35.19
N LYS A 668 11.61 2.87 35.77
CA LYS A 668 11.74 2.80 37.22
C LYS A 668 12.12 4.13 37.85
N ASN A 669 12.68 5.05 37.06
CA ASN A 669 13.29 6.24 37.65
C ASN A 669 12.26 7.28 38.05
N ASN A 670 11.55 7.85 37.07
CA ASN A 670 10.66 8.97 37.31
C ASN A 670 9.36 8.92 36.50
N SER A 671 9.01 7.76 35.96
CA SER A 671 7.73 7.49 35.32
C SER A 671 7.28 8.44 34.23
N PRO A 672 8.10 8.72 33.21
CA PRO A 672 7.53 9.17 31.93
C PRO A 672 7.02 7.97 31.15
N LYS A 673 5.80 7.54 31.47
CA LYS A 673 5.20 6.38 30.83
C LYS A 673 4.91 6.69 29.37
N LYS A 674 5.28 5.77 28.47
CA LYS A 674 5.23 6.01 27.04
C LYS A 674 4.56 4.85 26.31
N GLN A 675 4.03 5.17 25.13
CA GLN A 675 3.50 4.21 24.17
C GLN A 675 4.34 4.30 22.91
N TYR A 676 4.58 3.16 22.27
CA TYR A 676 5.58 3.06 21.22
C TYR A 676 5.09 2.52 19.89
N LYS A 677 4.03 1.71 19.88
CA LYS A 677 3.41 1.19 18.66
C LYS A 677 4.24 0.12 17.93
N LYS A 678 5.49 -0.07 18.29
CA LYS A 678 6.31 -1.12 17.72
C LYS A 678 7.62 -1.18 18.47
N TRP A 679 8.32 -2.30 18.30
CA TRP A 679 9.44 -2.62 19.16
C TRP A 679 10.72 -1.89 18.79
N VAL A 680 10.92 -1.57 17.52
CA VAL A 680 12.20 -0.99 17.13
C VAL A 680 12.36 0.40 17.70
N GLU A 681 11.25 1.12 17.91
CA GLU A 681 11.34 2.51 18.29
C GLU A 681 12.03 2.69 19.63
N LEU A 682 11.87 1.73 20.53
CA LEU A 682 12.45 1.89 21.84
C LEU A 682 13.95 1.60 21.80
N PRO A 683 14.73 2.22 22.70
CA PRO A 683 16.19 2.06 22.60
C PRO A 683 16.72 0.74 23.12
N ILE A 684 16.04 0.13 24.09
CA ILE A 684 16.67 -0.95 24.83
C ILE A 684 16.60 -2.25 24.03
N ARG A 685 17.53 -3.14 24.34
CA ARG A 685 17.70 -4.41 23.66
C ARG A 685 17.22 -5.52 24.57
N PHE A 686 16.77 -6.61 23.96
CA PHE A 686 16.33 -7.78 24.68
C PHE A 686 17.18 -8.99 24.31
N PRO A 687 17.38 -9.93 25.24
CA PRO A 687 18.27 -11.05 24.96
C PRO A 687 17.64 -12.13 24.10
N ASP A 688 18.50 -12.82 23.37
CA ASP A 688 18.08 -13.96 22.59
C ASP A 688 17.59 -15.07 23.51
N LEU A 689 16.77 -15.94 22.96
CA LEU A 689 16.24 -17.06 23.72
C LEU A 689 17.28 -18.17 23.78
N ASP A 690 17.26 -18.90 24.89
CA ASP A 690 18.03 -20.13 24.98
C ASP A 690 17.39 -20.98 26.06
N TYR A 691 17.29 -22.29 25.79
CA TYR A 691 16.53 -23.18 26.65
C TYR A 691 17.18 -23.46 27.99
N SER A 692 18.33 -22.84 28.28
CA SER A 692 18.97 -23.06 29.58
C SER A 692 18.05 -22.68 30.73
N GLU A 693 17.22 -21.65 30.53
CA GLU A 693 16.23 -21.28 31.52
C GLU A 693 14.97 -22.11 31.33
N TYR A 694 14.35 -22.50 32.45
CA TYR A 694 13.19 -23.37 32.54
C TYR A 694 13.57 -24.84 32.32
N CYS A 695 14.79 -25.12 31.89
CA CYS A 695 15.18 -26.50 31.59
C CYS A 695 16.52 -26.83 32.23
N LEU A 696 17.08 -27.98 31.88
CA LEU A 696 18.30 -28.47 32.49
C LEU A 696 18.09 -28.73 33.99
ZN ZN D . -5.63 -5.72 31.41
PG ANP E . 0.54 -0.83 -20.20
O1G ANP E . 0.42 0.72 -20.46
O2G ANP E . -0.56 -1.25 -19.28
O3G ANP E . 1.93 -1.13 -19.53
PB ANP E . 0.95 -3.22 -21.39
O1B ANP E . 2.47 -3.30 -21.67
O2B ANP E . 0.69 -3.58 -19.97
N3B ANP E . 0.42 -1.66 -21.66
PA ANP E . -0.27 -3.71 -23.74
O1A ANP E . 0.38 -2.34 -23.94
O2A ANP E . -1.74 -3.70 -23.87
O3A ANP E . 0.18 -4.21 -22.32
O5' ANP E . 0.32 -4.80 -24.74
C5' ANP E . -0.13 -6.17 -24.71
C4' ANP E . -1.26 -6.31 -25.71
O4' ANP E . -1.01 -5.40 -26.81
C3' ANP E . -1.38 -7.68 -26.35
O3' ANP E . -2.71 -7.91 -26.79
C2' ANP E . -0.41 -7.59 -27.52
O2' ANP E . -0.84 -8.44 -28.58
C1' ANP E . -0.52 -6.11 -27.93
N9 ANP E . 0.73 -5.49 -28.35
C8 ANP E . 1.50 -4.61 -27.62
N7 ANP E . 2.56 -4.19 -28.25
C5 ANP E . 2.49 -4.82 -29.49
C6 ANP E . 3.31 -4.78 -30.63
N6 ANP E . 4.43 -4.05 -30.72
N1 ANP E . 2.94 -5.53 -31.70
C2 ANP E . 1.83 -6.25 -31.62
N3 ANP E . 0.97 -6.36 -30.60
C4 ANP E . 1.35 -5.61 -29.56
#